data_7VU1
#
_entry.id   7VU1
#
_cell.length_a   94.737
_cell.length_b   58.551
_cell.length_c   133.059
_cell.angle_alpha   90.000
_cell.angle_beta   110.708
_cell.angle_gamma   90.000
#
_symmetry.space_group_name_H-M   'P 1 21 1'
#
loop_
_entity.id
_entity.type
_entity.pdbx_description
1 polymer Chitoporin
2 branched 2-acetamido-2-deoxy-beta-D-glucopyranose-(1-4)-2-acetamido-2-deoxy-beta-D-glucopyranose-(1-4)-2-acetamido-2-deoxy-beta-D-glucopyranose-(1-4)-2-acetamido-2-deoxy-beta-D-glucopyranose-(1-4)-2-acetamido-2-deoxy-beta-D-glucopyranose
3 non-polymer DECYL-BETA-D-MALTOPYRANOSIDE
4 non-polymer (HYDROXYETHYLOXY)TRI(ETHYLOXY)OCTANE
5 non-polymer 'MAGNESIUM ION'
6 water water
#
_entity_poly.entity_id   1
_entity_poly.type   'polypeptide(L)'
_entity_poly.pdbx_seq_one_letter_code
;EGFIDDSTLTGGIYYWQRERDRKDVTDGDKYKTNLSHSTWNANLDFQSGYAADMFGLDIAAFTAIEMAENGDSSHPNEIA
FSKSNKAYDEDWSGDKSGISLYKAAAKFKYGPVWARAGYIQPTGQTLLAPHWSFMPGTYQGAEAGANFDYGDAGALSFSY
MWTNEYKAPWHLEMDEFYQNDKTTKVDYLHSFGAKYDFKNNFVLEAAFGQAEGYIDQYFAKASYKFDIAGSPLTTSYQFY
GTRDKVDDRSVNDLYDGTAWLQALTFGYRAADVVDLRLEGTWVKADGQQGYFLQRMTPTYASSNGRLDIWWDNRSDFNAN
GEKAVFFGAMYDLKNWNLPGFAIGASYVYAWDAKPATWQSNPDAYYDKNRTIEESAYSLDAVYTIQDGRAKGTMFKLHFT
EYDNHSDIPSWGGGYGNIFQDERDVKFMVIAPFTIF
;
_entity_poly.pdbx_strand_id   A,B
#
loop_
_chem_comp.id
_chem_comp.type
_chem_comp.name
_chem_comp.formula
C8E non-polymer (HYDROXYETHYLOXY)TRI(ETHYLOXY)OCTANE 'C16 H34 O5'
DMU D-saccharide DECYL-BETA-D-MALTOPYRANOSIDE 'C22 H42 O11'
MG non-polymer 'MAGNESIUM ION' 'Mg 2'
NAG D-saccharide, beta linking 2-acetamido-2-deoxy-beta-D-glucopyranose 'C8 H15 N O6'
#
# COMPACT_ATOMS: atom_id res chain seq x y z
N GLY A 2 -0.96 -23.07 -57.70
CA GLY A 2 -2.10 -23.09 -58.60
C GLY A 2 -3.31 -22.35 -58.06
N PHE A 3 -3.91 -21.52 -58.92
CA PHE A 3 -5.00 -20.66 -58.48
C PHE A 3 -6.06 -21.44 -57.73
N ILE A 4 -6.46 -22.59 -58.26
CA ILE A 4 -7.56 -23.33 -57.66
C ILE A 4 -7.06 -24.23 -56.54
N ASP A 5 -5.96 -24.93 -56.76
CA ASP A 5 -5.61 -25.98 -55.82
C ASP A 5 -5.16 -25.41 -54.48
N ASP A 6 -4.57 -24.21 -54.46
CA ASP A 6 -4.14 -23.60 -53.21
C ASP A 6 -5.18 -22.65 -52.62
N SER A 7 -6.42 -22.74 -53.08
CA SER A 7 -7.49 -21.93 -52.53
C SER A 7 -7.80 -22.39 -51.12
N THR A 8 -8.16 -21.45 -50.26
CA THR A 8 -8.68 -21.74 -48.94
C THR A 8 -9.96 -20.93 -48.73
N LEU A 9 -10.86 -21.51 -47.95
CA LEU A 9 -12.12 -20.88 -47.58
C LEU A 9 -12.30 -21.17 -46.10
N THR A 10 -12.25 -20.12 -45.29
CA THR A 10 -12.28 -20.22 -43.83
C THR A 10 -13.29 -19.21 -43.30
N GLY A 11 -13.48 -19.23 -41.99
CA GLY A 11 -14.46 -18.36 -41.39
C GLY A 11 -14.55 -18.59 -39.91
N GLY A 12 -15.56 -17.98 -39.32
CA GLY A 12 -15.75 -18.06 -37.89
C GLY A 12 -17.16 -17.72 -37.48
N ILE A 13 -17.49 -18.10 -36.26
CA ILE A 13 -18.70 -17.65 -35.60
C ILE A 13 -18.25 -17.00 -34.31
N TYR A 14 -18.81 -15.83 -34.00
CA TYR A 14 -18.38 -15.05 -32.86
C TYR A 14 -19.55 -14.54 -32.05
N TYR A 15 -19.34 -14.47 -30.74
CA TYR A 15 -20.35 -14.02 -29.82
C TYR A 15 -19.67 -13.07 -28.87
N TRP A 16 -20.35 -11.97 -28.58
CA TRP A 16 -19.80 -10.89 -27.76
C TRP A 16 -20.92 -10.36 -26.88
N GLN A 17 -20.65 -10.24 -25.60
CA GLN A 17 -21.65 -9.76 -24.67
C GLN A 17 -20.93 -8.85 -23.71
N ARG A 18 -21.45 -7.63 -23.53
CA ARG A 18 -20.75 -6.62 -22.78
C ARG A 18 -21.71 -5.85 -21.88
N GLU A 19 -21.19 -5.46 -20.72
CA GLU A 19 -21.88 -4.58 -19.81
C GLU A 19 -20.82 -3.62 -19.33
N ARG A 20 -21.01 -2.34 -19.63
CA ARG A 20 -20.06 -1.31 -19.23
C ARG A 20 -20.87 -0.17 -18.64
N ASP A 21 -20.45 0.32 -17.49
CA ASP A 21 -21.09 1.47 -16.86
CA ASP A 21 -21.09 1.46 -16.85
C ASP A 21 -20.04 2.52 -16.56
N ARG A 22 -20.47 3.78 -16.59
CA ARG A 22 -19.54 4.88 -16.42
C ARG A 22 -20.13 5.87 -15.43
N LYS A 23 -19.23 6.54 -14.70
CA LYS A 23 -19.64 7.49 -13.68
C LYS A 23 -20.01 8.84 -14.30
N ASP A 24 -21.20 9.34 -13.97
CA ASP A 24 -21.65 10.67 -14.38
C ASP A 24 -21.50 11.59 -13.17
N VAL A 25 -20.41 12.37 -13.15
CA VAL A 25 -20.15 13.29 -12.04
C VAL A 25 -20.96 14.56 -12.13
N THR A 26 -21.87 14.66 -13.11
CA THR A 26 -22.85 15.73 -13.18
C THR A 26 -24.19 15.33 -12.60
N ASP A 27 -24.42 14.02 -12.42
CA ASP A 27 -25.64 13.49 -11.82
C ASP A 27 -25.31 12.68 -10.56
N GLY A 28 -24.46 13.22 -9.68
CA GLY A 28 -24.23 12.56 -8.41
C GLY A 28 -23.41 11.30 -8.47
N ASP A 29 -22.59 11.13 -9.50
CA ASP A 29 -21.70 9.97 -9.65
C ASP A 29 -22.46 8.66 -9.77
N LYS A 30 -23.60 8.69 -10.45
CA LYS A 30 -24.31 7.44 -10.73
C LYS A 30 -23.58 6.68 -11.83
N TYR A 31 -23.19 5.45 -11.54
CA TYR A 31 -22.68 4.60 -12.59
C TYR A 31 -23.84 4.25 -13.51
N LYS A 32 -23.88 4.87 -14.68
CA LYS A 32 -24.93 4.62 -15.64
C LYS A 32 -24.50 3.60 -16.68
N THR A 33 -25.46 2.80 -17.12
CA THR A 33 -25.32 1.96 -18.30
C THR A 33 -24.67 2.76 -19.43
N ASN A 34 -23.48 2.34 -19.84
CA ASN A 34 -22.80 2.92 -20.99
C ASN A 34 -22.84 1.98 -22.20
N LEU A 35 -22.62 0.69 -21.99
CA LEU A 35 -22.85 -0.34 -23.01
C LEU A 35 -23.54 -1.53 -22.37
N SER A 36 -24.45 -2.14 -23.11
CA SER A 36 -25.08 -3.38 -22.65
C SER A 36 -25.72 -3.99 -23.89
N HIS A 37 -25.14 -5.07 -24.40
CA HIS A 37 -25.57 -5.65 -25.66
C HIS A 37 -24.98 -7.05 -25.77
N SER A 38 -25.63 -7.86 -26.59
CA SER A 38 -25.17 -9.18 -26.99
C SER A 38 -25.26 -9.18 -28.50
N THR A 39 -24.19 -9.60 -29.16
CA THR A 39 -24.08 -9.54 -30.62
C THR A 39 -23.30 -10.70 -31.15
N TRP A 40 -23.79 -11.23 -32.27
CA TRP A 40 -23.12 -12.24 -33.05
C TRP A 40 -22.45 -11.63 -34.27
N ASN A 41 -21.31 -12.19 -34.62
CA ASN A 41 -20.70 -11.97 -35.91
C ASN A 41 -20.49 -13.34 -36.55
N ALA A 42 -20.43 -13.37 -37.88
CA ALA A 42 -19.95 -14.55 -38.61
C ALA A 42 -19.24 -14.05 -39.85
N ASN A 43 -18.17 -14.73 -40.26
CA ASN A 43 -17.45 -14.33 -41.46
C ASN A 43 -17.14 -15.53 -42.35
N LEU A 44 -16.91 -15.22 -43.61
CA LEU A 44 -16.45 -16.15 -44.61
C LEU A 44 -15.39 -15.45 -45.44
N ASP A 45 -14.26 -16.12 -45.62
CA ASP A 45 -13.05 -15.50 -46.19
C ASP A 45 -12.45 -16.46 -47.21
N PHE A 46 -12.53 -16.09 -48.49
CA PHE A 46 -11.96 -16.87 -49.57
C PHE A 46 -10.61 -16.29 -49.97
N GLN A 47 -9.57 -17.14 -49.99
CA GLN A 47 -8.27 -16.75 -50.49
C GLN A 47 -7.86 -17.74 -51.56
N SER A 48 -7.66 -17.25 -52.77
CA SER A 48 -7.26 -18.10 -53.87
C SER A 48 -5.76 -18.36 -53.82
N GLY A 49 -5.34 -19.36 -54.58
CA GLY A 49 -3.94 -19.54 -54.88
C GLY A 49 -3.56 -18.56 -55.97
N TYR A 50 -2.34 -18.71 -56.44
CA TYR A 50 -1.79 -17.83 -57.47
C TYR A 50 -1.74 -18.58 -58.81
N ALA A 51 -2.55 -18.12 -59.76
CA ALA A 51 -2.37 -18.55 -61.14
C ALA A 51 -0.98 -18.20 -61.65
N ALA A 52 -0.24 -19.21 -62.09
CA ALA A 52 1.11 -19.05 -62.61
C ALA A 52 2.05 -18.46 -61.57
N ASP A 53 1.71 -18.63 -60.30
CA ASP A 53 2.40 -17.98 -59.19
C ASP A 53 2.45 -16.46 -59.35
N MET A 54 1.44 -15.86 -60.02
CA MET A 54 1.42 -14.40 -60.17
C MET A 54 0.07 -13.72 -59.92
N PHE A 55 -1.06 -14.39 -60.07
CA PHE A 55 -2.36 -13.74 -60.10
C PHE A 55 -3.31 -14.45 -59.16
N GLY A 56 -3.91 -13.69 -58.23
CA GLY A 56 -4.86 -14.25 -57.28
C GLY A 56 -5.97 -13.25 -56.98
N LEU A 57 -6.94 -13.75 -56.20
CA LEU A 57 -8.15 -13.03 -55.82
C LEU A 57 -8.45 -13.40 -54.37
N ASP A 58 -8.92 -12.42 -53.60
CA ASP A 58 -9.41 -12.65 -52.24
C ASP A 58 -10.76 -11.96 -52.10
N ILE A 59 -11.70 -12.63 -51.44
CA ILE A 59 -13.05 -12.13 -51.23
CA ILE A 59 -13.01 -12.06 -51.19
C ILE A 59 -13.48 -12.55 -49.83
N ALA A 60 -14.03 -11.64 -49.04
CA ALA A 60 -14.47 -12.01 -47.70
C ALA A 60 -15.55 -11.05 -47.23
N ALA A 61 -16.51 -11.59 -46.47
CA ALA A 61 -17.69 -10.89 -46.00
C ALA A 61 -18.00 -11.33 -44.59
N PHE A 62 -18.59 -10.43 -43.83
CA PHE A 62 -19.07 -10.78 -42.50
C PHE A 62 -20.41 -10.11 -42.22
N THR A 63 -21.09 -10.69 -41.23
CA THR A 63 -22.42 -10.28 -40.82
C THR A 63 -22.36 -10.08 -39.33
N ALA A 64 -23.18 -9.19 -38.86
CA ALA A 64 -23.37 -8.94 -37.44
C ALA A 64 -24.86 -8.98 -37.21
N ILE A 65 -25.25 -9.66 -36.15
CA ILE A 65 -26.65 -9.87 -35.80
C ILE A 65 -26.81 -9.46 -34.36
N GLU A 66 -27.59 -8.41 -34.11
CA GLU A 66 -27.87 -8.01 -32.75
C GLU A 66 -28.75 -9.04 -32.07
N MET A 67 -28.48 -9.29 -30.79
CA MET A 67 -29.31 -10.20 -30.02
C MET A 67 -30.03 -9.48 -28.89
N ALA A 68 -29.31 -8.68 -28.12
CA ALA A 68 -29.88 -7.97 -27.00
C ALA A 68 -29.15 -6.65 -26.84
N GLU A 69 -29.87 -5.65 -26.35
CA GLU A 69 -29.31 -4.32 -26.18
C GLU A 69 -30.25 -3.54 -25.27
N ASN A 70 -29.73 -3.04 -24.14
CA ASN A 70 -30.52 -2.23 -23.25
C ASN A 70 -30.76 -0.86 -23.87
N GLY A 71 -31.90 -0.26 -23.53
CA GLY A 71 -32.27 1.02 -24.11
C GLY A 71 -31.32 2.14 -23.77
N ASP A 72 -30.55 2.00 -22.71
CA ASP A 72 -29.62 3.05 -22.29
C ASP A 72 -28.19 2.80 -22.77
N SER A 73 -27.92 1.70 -23.46
CA SER A 73 -26.60 1.48 -24.04
C SER A 73 -26.33 2.54 -25.11
N SER A 74 -25.08 3.01 -25.15
CA SER A 74 -24.69 4.05 -26.09
C SER A 74 -24.35 3.43 -27.42
N HIS A 75 -24.04 4.25 -28.41
CA HIS A 75 -23.79 3.75 -29.74
C HIS A 75 -22.68 4.57 -30.38
N PRO A 76 -21.92 3.99 -31.32
CA PRO A 76 -21.97 2.59 -31.79
C PRO A 76 -21.21 1.65 -30.84
N ASN A 77 -21.63 0.39 -30.70
CA ASN A 77 -20.93 -0.52 -29.79
C ASN A 77 -19.71 -1.17 -30.45
N GLU A 78 -19.58 -1.06 -31.77
CA GLU A 78 -18.42 -1.39 -32.60
C GLU A 78 -18.37 -2.89 -32.90
N ILE A 79 -19.30 -3.68 -32.38
CA ILE A 79 -19.46 -5.07 -32.77
C ILE A 79 -20.61 -5.24 -33.76
N ALA A 80 -21.75 -4.58 -33.49
CA ALA A 80 -22.78 -4.47 -34.50
C ALA A 80 -22.34 -3.36 -35.46
N PHE A 81 -23.14 -3.08 -36.46
CA PHE A 81 -22.90 -1.93 -37.31
C PHE A 81 -23.53 -0.69 -36.69
N SER A 82 -22.86 0.43 -36.84
CA SER A 82 -23.50 1.68 -36.49
C SER A 82 -24.74 1.89 -37.35
N LYS A 83 -25.78 2.49 -36.78
CA LYS A 83 -26.94 2.84 -37.60
C LYS A 83 -26.55 3.79 -38.72
N SER A 84 -25.48 4.54 -38.54
CA SER A 84 -24.96 5.45 -39.55
C SER A 84 -23.97 4.72 -40.42
N ASN A 85 -24.26 4.63 -41.71
CA ASN A 85 -23.44 3.78 -42.56
C ASN A 85 -22.07 4.37 -42.80
N LYS A 86 -21.96 5.68 -42.83
CA LYS A 86 -20.70 6.34 -43.12
C LYS A 86 -20.16 7.01 -41.85
N ALA A 87 -18.82 6.94 -41.66
CA ALA A 87 -18.21 7.49 -40.47
C ALA A 87 -18.52 8.98 -40.25
N TYR A 88 -18.44 9.79 -41.30
CA TYR A 88 -18.62 11.22 -41.07
C TYR A 88 -20.09 11.61 -40.92
N ASP A 89 -21.04 10.69 -41.08
CA ASP A 89 -22.42 10.94 -40.71
C ASP A 89 -22.77 10.52 -39.29
N GLU A 90 -21.86 9.84 -38.61
CA GLU A 90 -22.15 9.25 -37.31
C GLU A 90 -22.85 10.23 -36.37
N ASP A 91 -24.00 9.82 -35.85
CA ASP A 91 -24.71 10.67 -34.91
C ASP A 91 -25.05 9.94 -33.61
N TRP A 92 -24.43 8.78 -33.34
CA TRP A 92 -24.43 8.12 -32.03
C TRP A 92 -25.82 7.68 -31.59
N SER A 93 -26.70 7.39 -32.54
CA SER A 93 -28.08 7.13 -32.18
C SER A 93 -28.47 5.67 -32.19
N GLY A 94 -27.66 4.78 -32.77
CA GLY A 94 -28.04 3.38 -32.66
C GLY A 94 -27.06 2.46 -33.34
N ASP A 95 -27.43 1.19 -33.32
CA ASP A 95 -26.69 0.07 -33.88
C ASP A 95 -27.68 -0.78 -34.69
N LYS A 96 -27.15 -1.58 -35.60
CA LYS A 96 -28.00 -2.42 -36.44
C LYS A 96 -27.21 -3.62 -36.96
N SER A 97 -27.97 -4.63 -37.42
CA SER A 97 -27.42 -5.83 -38.04
C SER A 97 -27.12 -5.53 -39.50
N GLY A 98 -26.31 -6.37 -40.12
CA GLY A 98 -26.04 -6.21 -41.54
C GLY A 98 -24.97 -7.18 -42.03
N ILE A 99 -24.59 -6.95 -43.30
CA ILE A 99 -23.59 -7.74 -44.01
C ILE A 99 -22.65 -6.76 -44.70
N SER A 100 -21.34 -6.93 -44.46
CA SER A 100 -20.31 -6.09 -45.05
C SER A 100 -19.29 -6.92 -45.81
N LEU A 101 -18.97 -6.48 -47.02
CA LEU A 101 -17.87 -7.02 -47.80
C LEU A 101 -16.56 -6.39 -47.33
N TYR A 102 -15.70 -7.15 -46.65
CA TYR A 102 -14.53 -6.54 -46.03
C TYR A 102 -13.21 -6.86 -46.71
N LYS A 103 -13.18 -7.78 -47.65
CA LYS A 103 -12.03 -7.93 -48.54
C LYS A 103 -12.55 -8.21 -49.94
N ALA A 104 -11.90 -7.62 -50.92
CA ALA A 104 -12.30 -7.76 -52.31
C ALA A 104 -11.14 -7.23 -53.13
N ALA A 105 -10.20 -8.10 -53.47
CA ALA A 105 -8.91 -7.62 -53.92
C ALA A 105 -8.31 -8.54 -54.95
N ALA A 106 -7.67 -7.96 -55.96
CA ALA A 106 -6.72 -8.71 -56.78
C ALA A 106 -5.34 -8.63 -56.15
N LYS A 107 -4.65 -9.79 -56.12
CA LYS A 107 -3.31 -9.88 -55.57
C LYS A 107 -2.35 -10.38 -56.64
N PHE A 108 -1.12 -9.89 -56.56
CA PHE A 108 -0.13 -10.06 -57.62
C PHE A 108 1.21 -10.42 -56.99
N LYS A 109 2.00 -11.18 -57.73
CA LYS A 109 3.36 -11.52 -57.33
C LYS A 109 4.22 -11.59 -58.58
N TYR A 110 5.45 -11.09 -58.48
CA TYR A 110 6.40 -11.17 -59.59
C TYR A 110 7.79 -11.07 -58.98
N GLY A 111 8.44 -12.21 -58.82
CA GLY A 111 9.74 -12.28 -58.22
C GLY A 111 9.69 -11.87 -56.77
N PRO A 112 10.43 -10.83 -56.41
CA PRO A 112 10.39 -10.33 -55.04
C PRO A 112 9.29 -9.30 -54.77
N VAL A 113 8.52 -8.87 -55.78
CA VAL A 113 7.51 -7.83 -55.64
C VAL A 113 6.14 -8.46 -55.47
N TRP A 114 5.29 -7.79 -54.70
CA TRP A 114 3.91 -8.21 -54.47
C TRP A 114 3.04 -6.96 -54.50
N ALA A 115 1.76 -7.14 -54.81
CA ALA A 115 0.80 -6.05 -54.74
C ALA A 115 -0.60 -6.60 -54.50
N ARG A 116 -1.45 -5.76 -53.92
CA ARG A 116 -2.84 -6.08 -53.70
C ARG A 116 -3.61 -4.80 -53.98
N ALA A 117 -4.77 -4.90 -54.60
CA ALA A 117 -5.55 -3.69 -54.88
C ALA A 117 -7.04 -4.01 -54.82
N GLY A 118 -7.82 -3.04 -54.37
CA GLY A 118 -9.23 -3.26 -54.13
C GLY A 118 -9.71 -2.78 -52.78
N TYR A 119 -10.53 -3.61 -52.15
CA TYR A 119 -10.93 -3.47 -50.75
C TYR A 119 -9.89 -4.27 -49.97
N ILE A 120 -8.95 -3.59 -49.30
CA ILE A 120 -7.85 -4.29 -48.68
C ILE A 120 -7.63 -3.87 -47.22
N GLN A 121 -6.93 -4.74 -46.47
CA GLN A 121 -6.27 -4.32 -45.24
C GLN A 121 -4.80 -4.04 -45.54
N PRO A 122 -4.15 -3.11 -44.82
CA PRO A 122 -2.69 -2.99 -44.92
C PRO A 122 -2.04 -4.30 -44.50
N THR A 123 -1.03 -4.73 -45.24
CA THR A 123 -0.39 -6.00 -44.90
C THR A 123 1.12 -5.96 -44.86
N GLY A 124 1.75 -4.91 -45.33
CA GLY A 124 3.19 -4.78 -45.30
C GLY A 124 3.80 -4.02 -44.14
N GLN A 125 4.68 -3.10 -44.49
CA GLN A 125 5.51 -2.37 -43.53
C GLN A 125 5.09 -0.92 -43.32
N THR A 126 3.95 -0.50 -43.85
CA THR A 126 3.61 0.92 -43.65
C THR A 126 3.00 1.14 -42.25
N LEU A 127 2.54 2.37 -41.98
CA LEU A 127 1.95 2.63 -40.67
C LEU A 127 0.43 2.79 -40.78
N LEU A 128 -0.14 2.55 -41.94
CA LEU A 128 -1.59 2.44 -42.04
C LEU A 128 -2.06 1.15 -41.38
N ALA A 129 -3.22 1.22 -40.73
CA ALA A 129 -3.75 0.00 -40.14
C ALA A 129 -5.26 0.09 -40.17
N PRO A 130 -5.94 -1.04 -40.17
CA PRO A 130 -7.40 -1.02 -39.93
C PRO A 130 -7.68 -0.99 -38.44
N HIS A 131 -8.91 -0.62 -38.09
CA HIS A 131 -9.45 -0.99 -36.80
C HIS A 131 -9.79 -2.48 -36.79
N TRP A 132 -9.73 -3.09 -35.61
CA TRP A 132 -10.15 -4.46 -35.40
C TRP A 132 -11.28 -4.48 -34.37
N SER A 133 -12.41 -5.06 -34.75
CA SER A 133 -13.37 -5.61 -33.81
C SER A 133 -13.08 -7.13 -33.82
N PHE A 134 -14.05 -7.97 -34.16
CA PHE A 134 -13.70 -9.34 -34.55
C PHE A 134 -13.07 -9.29 -35.93
N MET A 135 -13.62 -8.55 -36.81
CA MET A 135 -13.18 -8.39 -38.17
C MET A 135 -12.44 -7.07 -38.33
N PRO A 136 -11.64 -6.91 -39.39
CA PRO A 136 -10.94 -5.65 -39.62
C PRO A 136 -11.74 -4.66 -40.47
N GLY A 137 -11.36 -3.38 -40.35
CA GLY A 137 -11.78 -2.39 -41.29
C GLY A 137 -11.14 -2.61 -42.66
N THR A 138 -11.58 -1.80 -43.61
CA THR A 138 -11.26 -2.02 -45.03
C THR A 138 -10.93 -0.70 -45.70
N TYR A 139 -9.82 -0.64 -46.41
CA TYR A 139 -9.45 0.51 -47.23
C TYR A 139 -9.75 0.26 -48.69
N GLN A 140 -10.16 1.30 -49.40
CA GLN A 140 -10.15 1.28 -50.84
C GLN A 140 -8.83 1.88 -51.33
N GLY A 141 -8.03 1.07 -52.00
CA GLY A 141 -6.74 1.54 -52.51
C GLY A 141 -5.86 0.35 -52.88
N ALA A 142 -4.55 0.58 -52.82
CA ALA A 142 -3.60 -0.44 -53.23
C ALA A 142 -2.36 -0.40 -52.36
N GLU A 143 -1.66 -1.56 -52.30
CA GLU A 143 -0.37 -1.65 -51.63
C GLU A 143 0.54 -2.50 -52.51
N ALA A 144 1.80 -2.08 -52.61
CA ALA A 144 2.83 -2.85 -53.29
C ALA A 144 4.08 -2.84 -52.41
N GLY A 145 4.83 -3.93 -52.46
CA GLY A 145 6.03 -3.99 -51.66
C GLY A 145 6.96 -5.07 -52.19
N ALA A 146 8.05 -5.26 -51.45
CA ALA A 146 9.08 -6.17 -51.93
C ALA A 146 9.77 -6.79 -50.73
N ASN A 147 10.34 -7.96 -50.95
CA ASN A 147 11.08 -8.67 -49.92
C ASN A 147 12.41 -9.11 -50.52
N PHE A 148 13.50 -8.80 -49.83
CA PHE A 148 14.86 -9.13 -50.26
C PHE A 148 15.54 -9.87 -49.13
N ASP A 149 15.86 -11.14 -49.36
CA ASP A 149 16.54 -11.95 -48.35
C ASP A 149 18.02 -11.98 -48.66
N TYR A 150 18.84 -11.62 -47.68
CA TYR A 150 20.29 -11.60 -47.85
C TYR A 150 20.97 -12.69 -47.04
N GLY A 151 20.30 -13.81 -46.83
CA GLY A 151 20.86 -14.86 -45.99
C GLY A 151 21.16 -14.36 -44.59
N ASP A 152 22.32 -14.78 -44.05
CA ASP A 152 22.65 -14.46 -42.67
C ASP A 152 22.83 -12.96 -42.47
N ALA A 153 23.01 -12.21 -43.54
CA ALA A 153 23.21 -10.79 -43.45
C ALA A 153 21.90 -10.03 -43.19
N GLY A 154 20.75 -10.71 -43.23
CA GLY A 154 19.48 -10.12 -42.87
C GLY A 154 18.43 -10.23 -43.98
N ALA A 155 17.30 -9.58 -43.75
CA ALA A 155 16.25 -9.52 -44.75
C ALA A 155 15.61 -8.14 -44.73
N LEU A 156 15.41 -7.58 -45.91
CA LEU A 156 14.78 -6.28 -46.09
C LEU A 156 13.40 -6.47 -46.68
N SER A 157 12.41 -5.81 -46.09
CA SER A 157 11.09 -5.70 -46.67
CA SER A 157 11.08 -5.69 -46.65
C SER A 157 10.65 -4.24 -46.59
N PHE A 158 9.94 -3.80 -47.61
CA PHE A 158 9.36 -2.45 -47.65
C PHE A 158 8.10 -2.49 -48.49
N SER A 159 7.22 -1.51 -48.23
CA SER A 159 5.96 -1.44 -48.97
C SER A 159 5.43 -0.01 -48.96
N TYR A 160 4.51 0.24 -49.85
CA TYR A 160 3.82 1.51 -50.04
C TYR A 160 2.35 1.22 -50.21
N MET A 161 1.52 2.03 -49.54
CA MET A 161 0.06 1.92 -49.61
C MET A 161 -0.55 3.29 -49.85
N TRP A 162 -1.55 3.33 -50.72
CA TRP A 162 -2.31 4.51 -51.09
C TRP A 162 -3.78 4.18 -50.95
N THR A 163 -4.56 5.08 -50.37
CA THR A 163 -5.99 4.82 -50.15
C THR A 163 -6.74 6.14 -50.19
N ASN A 164 -7.96 6.11 -50.70
CA ASN A 164 -8.78 7.31 -50.69
C ASN A 164 -10.11 7.15 -49.97
N GLU A 165 -10.42 5.97 -49.43
CA GLU A 165 -11.63 5.76 -48.64
C GLU A 165 -11.40 4.62 -47.65
N TYR A 166 -12.23 4.59 -46.62
CA TYR A 166 -12.10 3.60 -45.56
C TYR A 166 -13.44 3.26 -44.98
N LYS A 167 -13.59 2.05 -44.46
CA LYS A 167 -14.68 1.78 -43.53
C LYS A 167 -14.21 0.96 -42.35
N ALA A 168 -14.55 1.42 -41.15
CA ALA A 168 -14.34 0.63 -39.97
C ALA A 168 -15.27 -0.57 -39.98
N PRO A 169 -14.95 -1.61 -39.21
CA PRO A 169 -15.77 -2.82 -39.23
C PRO A 169 -17.20 -2.59 -38.75
N TRP A 170 -17.50 -1.44 -38.14
CA TRP A 170 -18.87 -1.11 -37.75
C TRP A 170 -19.52 -0.12 -38.69
N HIS A 171 -18.94 0.10 -39.86
CA HIS A 171 -19.57 0.90 -40.89
C HIS A 171 -19.78 0.03 -42.13
N LEU A 172 -21.01 0.09 -42.65
CA LEU A 172 -21.39 -0.72 -43.80
C LEU A 172 -20.92 -0.11 -45.10
N GLU A 173 -20.54 1.15 -45.08
CA GLU A 173 -20.15 1.83 -46.30
C GLU A 173 -18.86 2.59 -46.06
N MET A 174 -18.11 2.75 -47.14
CA MET A 174 -16.90 3.55 -47.07
C MET A 174 -17.20 5.03 -47.07
N ASP A 175 -16.30 5.81 -46.49
CA ASP A 175 -16.36 7.25 -46.51
C ASP A 175 -14.98 7.76 -46.93
N GLU A 176 -14.95 8.98 -47.44
CA GLU A 176 -13.70 9.64 -47.82
C GLU A 176 -13.05 10.19 -46.57
N PHE A 177 -11.96 10.92 -46.72
CA PHE A 177 -11.25 11.49 -45.57
C PHE A 177 -11.42 13.00 -45.54
N TYR A 178 -11.48 13.56 -44.32
CA TYR A 178 -11.64 14.97 -44.05
C TYR A 178 -10.71 15.37 -42.91
N GLN A 179 -10.50 16.67 -42.79
CA GLN A 179 -9.81 17.25 -41.64
C GLN A 179 -10.76 17.24 -40.44
N ASN A 180 -10.34 17.89 -39.36
CA ASN A 180 -11.09 17.84 -38.13
C ASN A 180 -12.50 18.44 -38.26
N ASP A 181 -12.71 19.38 -39.20
CA ASP A 181 -14.00 19.99 -39.42
C ASP A 181 -15.01 19.10 -40.15
N LYS A 182 -14.62 17.92 -40.60
CA LYS A 182 -15.48 16.96 -41.28
C LYS A 182 -15.97 17.47 -42.61
N THR A 183 -15.32 18.50 -43.18
CA THR A 183 -15.75 19.05 -44.45
C THR A 183 -14.60 19.44 -45.38
N THR A 184 -13.43 19.80 -44.86
CA THR A 184 -12.26 20.04 -45.70
C THR A 184 -11.65 18.70 -46.11
N LYS A 185 -11.59 18.47 -47.41
CA LYS A 185 -11.24 17.16 -47.92
CA LYS A 185 -11.24 17.15 -47.93
C LYS A 185 -9.76 16.83 -47.73
N VAL A 186 -9.50 15.57 -47.41
CA VAL A 186 -8.18 14.95 -47.44
C VAL A 186 -8.26 13.97 -48.60
N ASP A 187 -7.53 14.22 -49.71
CA ASP A 187 -7.77 13.45 -50.92
C ASP A 187 -7.31 11.99 -50.79
N TYR A 188 -6.29 11.73 -49.99
CA TYR A 188 -5.81 10.37 -49.84
C TYR A 188 -5.00 10.28 -48.57
N LEU A 189 -4.79 9.03 -48.12
CA LEU A 189 -3.75 8.70 -47.17
C LEU A 189 -2.75 7.85 -47.93
N HIS A 190 -1.46 8.02 -47.66
CA HIS A 190 -0.49 7.05 -48.12
C HIS A 190 0.65 6.90 -47.11
N SER A 191 1.37 5.79 -47.26
CA SER A 191 2.43 5.49 -46.31
C SER A 191 3.46 4.58 -46.98
N PHE A 192 4.71 4.81 -46.61
CA PHE A 192 5.83 3.97 -46.98
C PHE A 192 6.53 3.52 -45.71
N GLY A 193 6.90 2.22 -45.64
CA GLY A 193 7.66 1.76 -44.51
C GLY A 193 8.57 0.59 -44.87
N ALA A 194 9.42 0.25 -43.93
CA ALA A 194 10.45 -0.76 -44.16
C ALA A 194 10.77 -1.47 -42.88
N LYS A 195 11.38 -2.67 -43.04
CA LYS A 195 11.70 -3.53 -41.92
C LYS A 195 13.05 -4.16 -42.29
N TYR A 196 13.99 -4.17 -41.36
CA TYR A 196 15.22 -4.90 -41.57
C TYR A 196 15.43 -5.82 -40.39
N ASP A 197 15.49 -7.11 -40.71
CA ASP A 197 15.67 -8.19 -39.74
C ASP A 197 17.11 -8.67 -39.92
N PHE A 198 17.95 -8.44 -38.92
CA PHE A 198 19.36 -8.79 -38.97
C PHE A 198 19.63 -10.26 -38.63
N LYS A 199 18.57 -11.06 -38.44
CA LYS A 199 18.67 -12.49 -38.18
C LYS A 199 19.59 -12.78 -37.00
N ASN A 200 19.65 -11.85 -36.04
CA ASN A 200 20.31 -12.07 -34.76
C ASN A 200 19.37 -11.71 -33.62
N ASN A 201 18.06 -11.72 -33.88
CA ASN A 201 17.00 -11.25 -33.00
C ASN A 201 16.92 -9.73 -32.89
N PHE A 202 17.75 -8.98 -33.62
CA PHE A 202 17.63 -7.54 -33.70
C PHE A 202 16.80 -7.19 -34.93
N VAL A 203 15.80 -6.32 -34.75
CA VAL A 203 14.91 -5.93 -35.86
C VAL A 203 14.58 -4.45 -35.76
N LEU A 204 14.73 -3.75 -36.88
CA LEU A 204 14.43 -2.34 -37.01
C LEU A 204 13.25 -2.19 -37.96
N GLU A 205 12.33 -1.26 -37.62
CA GLU A 205 11.18 -0.97 -38.47
C GLU A 205 10.98 0.55 -38.47
N ALA A 206 10.56 1.10 -39.61
CA ALA A 206 10.23 2.52 -39.64
C ALA A 206 9.26 2.79 -40.78
N ALA A 207 8.47 3.84 -40.63
CA ALA A 207 7.54 4.16 -41.69
C ALA A 207 7.16 5.62 -41.55
N PHE A 208 6.75 6.18 -42.68
CA PHE A 208 6.28 7.55 -42.84
C PHE A 208 4.93 7.47 -43.54
N GLY A 209 4.04 8.36 -43.15
CA GLY A 209 2.77 8.47 -43.83
C GLY A 209 2.30 9.92 -43.86
N GLN A 210 1.33 10.15 -44.73
CA GLN A 210 0.71 11.45 -44.83
C GLN A 210 -0.78 11.29 -45.06
N ALA A 211 -1.53 12.25 -44.50
CA ALA A 211 -2.85 12.60 -44.97
C ALA A 211 -2.67 13.86 -45.83
N GLU A 212 -3.02 13.75 -47.10
CA GLU A 212 -2.85 14.80 -48.10
C GLU A 212 -3.23 16.16 -47.53
N GLY A 213 -2.27 17.07 -47.58
CA GLY A 213 -2.51 18.44 -47.19
C GLY A 213 -2.64 18.70 -45.71
N TYR A 214 -2.48 17.69 -44.87
CA TYR A 214 -2.91 17.87 -43.50
C TYR A 214 -1.96 17.35 -42.44
N ILE A 215 -1.48 16.11 -42.56
CA ILE A 215 -0.79 15.46 -41.45
C ILE A 215 0.39 14.64 -41.97
N ASP A 216 1.52 14.77 -41.29
CA ASP A 216 2.68 13.88 -41.50
C ASP A 216 2.80 12.99 -40.28
N GLN A 217 3.03 11.70 -40.50
CA GLN A 217 2.99 10.69 -39.44
C GLN A 217 4.27 9.87 -39.47
N TYR A 218 4.75 9.52 -38.31
CA TYR A 218 6.05 8.83 -38.20
C TYR A 218 5.94 7.61 -37.32
N PHE A 219 6.73 6.57 -37.67
CA PHE A 219 6.79 5.38 -36.84
C PHE A 219 8.21 4.84 -36.87
N ALA A 220 8.70 4.44 -35.70
CA ALA A 220 9.95 3.68 -35.67
C ALA A 220 9.95 2.72 -34.49
N LYS A 221 10.59 1.57 -34.70
CA LYS A 221 10.61 0.59 -33.64
C LYS A 221 11.89 -0.25 -33.75
N ALA A 222 12.50 -0.44 -32.59
CA ALA A 222 13.64 -1.33 -32.44
C ALA A 222 13.26 -2.42 -31.46
N SER A 223 13.52 -3.68 -31.85
CA SER A 223 13.22 -4.83 -31.00
CA SER A 223 13.23 -4.82 -30.98
C SER A 223 14.43 -5.76 -30.89
N TYR A 224 14.54 -6.42 -29.74
CA TYR A 224 15.63 -7.33 -29.46
C TYR A 224 15.13 -8.37 -28.47
N LYS A 225 15.57 -9.62 -28.68
CA LYS A 225 15.29 -10.75 -27.80
C LYS A 225 16.62 -11.36 -27.39
N PHE A 226 16.75 -11.73 -26.13
CA PHE A 226 17.87 -12.59 -25.75
C PHE A 226 17.41 -13.54 -24.64
N ASP A 227 18.12 -14.67 -24.56
CA ASP A 227 17.75 -15.71 -23.62
C ASP A 227 18.26 -15.35 -22.23
N ILE A 228 17.39 -15.50 -21.24
CA ILE A 228 17.76 -15.53 -19.84
C ILE A 228 17.17 -16.79 -19.25
N ALA A 229 18.01 -17.61 -18.63
CA ALA A 229 17.58 -18.86 -18.03
C ALA A 229 16.90 -19.74 -19.08
N GLY A 230 17.35 -19.63 -20.33
CA GLY A 230 16.80 -20.41 -21.43
C GLY A 230 15.54 -19.87 -22.08
N SER A 231 14.99 -18.74 -21.60
CA SER A 231 13.75 -18.21 -22.15
C SER A 231 13.96 -16.77 -22.61
N PRO A 232 13.39 -16.36 -23.74
CA PRO A 232 13.70 -15.05 -24.31
C PRO A 232 13.05 -13.92 -23.52
N LEU A 233 13.87 -12.94 -23.17
CA LEU A 233 13.41 -11.63 -22.76
C LEU A 233 13.29 -10.77 -24.01
N THR A 234 12.08 -10.35 -24.33
CA THR A 234 11.84 -9.53 -25.52
C THR A 234 11.77 -8.07 -25.10
N THR A 235 12.47 -7.22 -25.80
CA THR A 235 12.45 -5.80 -25.52
CA THR A 235 12.44 -5.79 -25.51
C THR A 235 12.19 -5.02 -26.80
N SER A 236 11.58 -3.84 -26.65
CA SER A 236 11.42 -2.95 -27.78
C SER A 236 11.31 -1.52 -27.29
N TYR A 237 11.80 -0.62 -28.14
CA TYR A 237 11.59 0.81 -28.03
C TYR A 237 10.74 1.21 -29.22
N GLN A 238 9.69 1.99 -28.98
CA GLN A 238 8.82 2.38 -30.07
C GLN A 238 8.60 3.89 -30.03
N PHE A 239 8.62 4.50 -31.22
CA PHE A 239 8.34 5.92 -31.39
C PHE A 239 7.21 6.10 -32.39
N TYR A 240 6.22 6.93 -32.03
CA TYR A 240 5.13 7.29 -32.92
C TYR A 240 5.08 8.83 -32.92
N GLY A 241 5.01 9.43 -34.09
CA GLY A 241 5.05 10.89 -34.20
C GLY A 241 4.02 11.39 -35.19
N THR A 242 3.60 12.64 -34.99
CA THR A 242 2.61 13.23 -35.89
C THR A 242 2.78 14.76 -35.84
N ARG A 243 2.63 15.35 -37.01
CA ARG A 243 2.73 16.79 -37.17
C ARG A 243 1.64 17.21 -38.15
N ASP A 244 0.94 18.31 -37.88
CA ASP A 244 -0.05 18.76 -38.84
C ASP A 244 0.49 19.92 -39.68
N LYS A 245 -0.30 20.35 -40.65
CA LYS A 245 0.07 21.44 -41.54
C LYS A 245 -0.91 22.60 -41.42
N VAL A 246 -1.66 22.65 -40.32
CA VAL A 246 -2.64 23.70 -40.04
C VAL A 246 -2.29 24.23 -38.67
N ASP A 247 -1.72 25.44 -38.63
CA ASP A 247 -1.31 26.07 -37.38
C ASP A 247 -1.81 27.50 -37.30
N ASP A 248 -3.06 27.70 -37.73
CA ASP A 248 -3.71 29.00 -37.77
C ASP A 248 -4.74 29.16 -36.67
N ARG A 249 -4.82 28.21 -35.75
CA ARG A 249 -5.73 28.21 -34.62
C ARG A 249 -7.19 28.09 -35.03
N SER A 250 -7.44 27.53 -36.21
CA SER A 250 -8.77 27.12 -36.64
C SER A 250 -9.17 25.79 -35.99
N VAL A 251 -10.37 25.32 -36.31
CA VAL A 251 -10.83 24.06 -35.79
C VAL A 251 -9.98 22.89 -36.28
N ASN A 252 -9.26 23.08 -37.38
CA ASN A 252 -8.46 22.02 -37.98
C ASN A 252 -7.03 21.97 -37.42
N ASP A 253 -6.67 22.91 -36.56
CA ASP A 253 -5.32 22.99 -35.95
C ASP A 253 -5.26 22.05 -34.75
N LEU A 254 -4.66 20.87 -34.92
CA LEU A 254 -4.65 19.85 -33.88
C LEU A 254 -3.43 19.91 -32.95
N TYR A 255 -2.26 20.03 -33.50
CA TYR A 255 -1.03 19.90 -32.73
C TYR A 255 -0.15 21.15 -32.91
N ASP A 256 0.54 21.53 -31.85
CA ASP A 256 1.64 22.48 -31.95
C ASP A 256 2.95 21.69 -32.02
N GLY A 257 3.73 21.91 -33.06
CA GLY A 257 4.94 21.15 -33.21
C GLY A 257 4.63 19.68 -33.50
N THR A 258 5.61 18.83 -33.22
CA THR A 258 5.44 17.40 -33.42
C THR A 258 4.89 16.81 -32.13
N ALA A 259 3.76 16.11 -32.23
CA ALA A 259 3.21 15.33 -31.15
C ALA A 259 3.81 13.92 -31.25
N TRP A 260 4.01 13.27 -30.10
CA TRP A 260 4.56 11.93 -30.18
C TRP A 260 4.18 11.07 -28.98
N LEU A 261 4.42 9.77 -29.16
CA LEU A 261 4.22 8.77 -28.13
C LEU A 261 5.44 7.86 -28.21
N GLN A 262 6.10 7.67 -27.09
CA GLN A 262 7.28 6.82 -27.00
C GLN A 262 6.96 5.71 -26.02
N ALA A 263 7.54 4.54 -26.28
CA ALA A 263 7.20 3.41 -25.45
C ALA A 263 8.40 2.48 -25.34
N LEU A 264 8.47 1.81 -24.20
CA LEU A 264 9.42 0.74 -23.96
CA LEU A 264 9.42 0.74 -23.96
C LEU A 264 8.63 -0.47 -23.49
N THR A 265 8.96 -1.65 -24.02
CA THR A 265 8.23 -2.85 -23.62
C THR A 265 9.21 -3.96 -23.22
N PHE A 266 8.82 -4.73 -22.22
CA PHE A 266 9.55 -5.93 -21.80
C PHE A 266 8.57 -7.09 -21.69
N GLY A 267 9.00 -8.26 -22.16
CA GLY A 267 8.15 -9.40 -22.06
C GLY A 267 9.00 -10.62 -21.69
N TYR A 268 8.49 -11.45 -20.81
CA TYR A 268 9.24 -12.61 -20.36
C TYR A 268 8.29 -13.67 -19.87
N ARG A 269 8.57 -14.93 -20.25
CA ARG A 269 7.80 -16.08 -19.84
C ARG A 269 8.58 -16.79 -18.76
N ALA A 270 8.03 -16.82 -17.55
CA ALA A 270 8.71 -17.33 -16.37
C ALA A 270 8.21 -18.73 -16.06
N ALA A 271 9.14 -19.63 -15.75
CA ALA A 271 8.81 -21.00 -15.34
C ALA A 271 8.03 -21.72 -16.43
N ASP A 272 8.23 -21.30 -17.68
CA ASP A 272 7.46 -21.80 -18.81
C ASP A 272 5.95 -21.76 -18.55
N VAL A 273 5.47 -20.87 -17.68
CA VAL A 273 4.05 -20.95 -17.37
C VAL A 273 3.33 -19.63 -17.17
N VAL A 274 4.05 -18.53 -16.97
CA VAL A 274 3.41 -17.24 -16.76
CA VAL A 274 3.42 -17.23 -16.75
C VAL A 274 4.04 -16.21 -17.68
N ASP A 275 3.22 -15.64 -18.58
CA ASP A 275 3.66 -14.56 -19.46
C ASP A 275 3.57 -13.24 -18.71
N LEU A 276 4.70 -12.56 -18.57
CA LEU A 276 4.79 -11.29 -17.87
C LEU A 276 5.05 -10.14 -18.83
N ARG A 277 4.46 -9.00 -18.53
CA ARG A 277 4.60 -7.83 -19.38
C ARG A 277 4.82 -6.61 -18.51
N LEU A 278 5.85 -5.83 -18.86
CA LEU A 278 6.16 -4.57 -18.24
C LEU A 278 6.34 -3.53 -19.34
N GLU A 279 5.50 -2.51 -19.33
CA GLU A 279 5.46 -1.56 -20.44
C GLU A 279 5.22 -0.16 -19.90
N GLY A 280 5.77 0.80 -20.61
CA GLY A 280 5.61 2.19 -20.27
C GLY A 280 5.48 3.04 -21.52
N THR A 281 4.71 4.13 -21.36
CA THR A 281 4.49 5.09 -22.43
C THR A 281 4.64 6.51 -21.89
N TRP A 282 5.02 7.41 -22.79
CA TRP A 282 5.26 8.83 -22.52
C TRP A 282 4.76 9.60 -23.73
N VAL A 283 3.85 10.55 -23.52
CA VAL A 283 3.20 11.28 -24.61
C VAL A 283 3.50 12.76 -24.50
N LYS A 284 3.78 13.39 -25.65
CA LYS A 284 3.77 14.83 -25.83
C LYS A 284 2.71 15.18 -26.87
N ALA A 285 1.76 16.03 -26.49
CA ALA A 285 0.76 16.45 -27.46
C ALA A 285 0.29 17.87 -27.16
N ASP A 286 1.20 18.83 -27.29
CA ASP A 286 0.78 20.23 -27.16
C ASP A 286 -0.14 20.62 -28.32
N GLY A 287 -1.03 21.57 -28.04
CA GLY A 287 -1.94 22.10 -29.03
C GLY A 287 -3.38 21.92 -28.64
N GLN A 288 -4.26 22.08 -29.62
CA GLN A 288 -5.67 22.13 -29.35
C GLN A 288 -6.25 20.76 -29.05
N GLN A 289 -5.74 19.71 -29.68
CA GLN A 289 -6.34 18.40 -29.47
C GLN A 289 -6.07 17.90 -28.05
N GLY A 290 -4.84 17.97 -27.61
CA GLY A 290 -4.52 17.57 -26.25
C GLY A 290 -4.16 16.11 -26.06
N TYR A 291 -4.19 15.28 -27.10
CA TYR A 291 -3.83 13.88 -26.96
C TYR A 291 -3.23 13.37 -28.26
N PHE A 292 -2.50 12.26 -28.17
CA PHE A 292 -1.78 11.72 -29.32
C PHE A 292 -2.71 10.77 -30.08
N LEU A 293 -2.67 10.84 -31.40
CA LEU A 293 -3.38 9.89 -32.22
C LEU A 293 -2.41 9.21 -33.16
N GLN A 294 -2.49 7.88 -33.23
CA GLN A 294 -1.69 7.12 -34.17
C GLN A 294 -2.27 7.11 -35.57
N ARG A 295 -3.49 7.57 -35.75
CA ARG A 295 -4.11 7.69 -37.07
C ARG A 295 -3.95 9.09 -37.64
N MET A 296 -4.02 9.18 -38.96
CA MET A 296 -3.74 10.42 -39.68
C MET A 296 -4.98 11.23 -40.00
N THR A 297 -6.18 10.78 -39.62
CA THR A 297 -7.38 11.58 -39.71
C THR A 297 -7.99 11.64 -38.31
N PRO A 298 -8.40 12.81 -37.82
CA PRO A 298 -8.72 12.92 -36.39
C PRO A 298 -10.07 12.38 -36.05
N THR A 299 -10.98 12.28 -37.00
CA THR A 299 -12.36 11.93 -36.65
C THR A 299 -12.48 10.48 -36.25
N TYR A 300 -13.20 10.22 -35.17
CA TYR A 300 -13.49 8.87 -34.73
C TYR A 300 -13.95 8.00 -35.89
N ALA A 301 -13.31 6.85 -36.03
CA ALA A 301 -13.61 5.82 -37.01
C ALA A 301 -13.18 6.12 -38.42
N SER A 302 -12.46 7.22 -38.68
CA SER A 302 -12.26 7.67 -40.05
C SER A 302 -11.10 6.98 -40.73
N SER A 303 -10.13 6.52 -39.95
CA SER A 303 -9.01 5.71 -40.44
C SER A 303 -8.33 5.15 -39.19
N ASN A 304 -7.26 4.39 -39.38
CA ASN A 304 -6.46 3.96 -38.25
C ASN A 304 -5.00 3.90 -38.65
N GLY A 305 -4.15 3.77 -37.64
CA GLY A 305 -2.72 3.70 -37.86
C GLY A 305 -2.11 2.71 -36.90
N ARG A 306 -0.89 2.29 -37.24
CA ARG A 306 -0.23 1.24 -36.48
C ARG A 306 0.10 1.75 -35.08
N LEU A 307 -0.23 0.96 -34.08
CA LEU A 307 0.17 1.25 -32.70
C LEU A 307 0.36 -0.11 -32.04
N ASP A 308 1.59 -0.46 -31.70
CA ASP A 308 1.81 -1.81 -31.19
C ASP A 308 1.56 -1.92 -29.69
N ILE A 309 1.13 -0.86 -29.02
CA ILE A 309 0.88 -0.86 -27.59
C ILE A 309 -0.63 -0.99 -27.37
N TRP A 310 -1.03 -2.02 -26.64
CA TRP A 310 -2.45 -2.23 -26.34
C TRP A 310 -2.57 -2.97 -25.02
N TRP A 311 -3.14 -2.31 -24.01
CA TRP A 311 -3.17 -2.84 -22.65
C TRP A 311 -4.55 -3.30 -22.21
N ASP A 312 -5.57 -3.12 -23.06
CA ASP A 312 -6.94 -3.58 -22.78
C ASP A 312 -7.40 -3.16 -21.38
N ASN A 313 -7.11 -1.92 -21.02
CA ASN A 313 -7.51 -1.32 -19.76
C ASN A 313 -8.29 -0.02 -19.99
N ARG A 314 -9.12 -0.05 -21.04
CA ARG A 314 -10.14 0.93 -21.41
C ARG A 314 -9.58 2.27 -21.82
N SER A 315 -8.79 2.93 -21.00
CA SER A 315 -8.27 4.20 -21.47
C SER A 315 -7.10 3.98 -22.42
N ASP A 316 -6.85 5.00 -23.24
CA ASP A 316 -5.71 5.04 -24.15
C ASP A 316 -4.45 5.57 -23.51
N PHE A 317 -4.54 6.20 -22.33
CA PHE A 317 -3.36 6.75 -21.63
C PHE A 317 -2.49 7.53 -22.60
N ASN A 318 -3.13 8.49 -23.32
CA ASN A 318 -2.46 9.19 -24.42
C ASN A 318 -2.65 10.71 -24.35
N ALA A 319 -2.97 11.24 -23.17
CA ALA A 319 -3.03 12.69 -22.99
C ALA A 319 -1.64 13.32 -23.07
N ASN A 320 -1.62 14.58 -23.48
CA ASN A 320 -0.42 15.39 -23.47
C ASN A 320 0.29 15.23 -22.13
N GLY A 321 1.61 15.03 -22.20
CA GLY A 321 2.44 14.85 -21.03
C GLY A 321 2.34 13.51 -20.34
N GLU A 322 1.28 12.73 -20.58
CA GLU A 322 0.99 11.57 -19.75
C GLU A 322 2.13 10.56 -19.80
N LYS A 323 2.40 9.98 -18.64
CA LYS A 323 3.36 8.89 -18.44
C LYS A 323 2.55 7.74 -17.89
N ALA A 324 2.85 6.52 -18.36
CA ALA A 324 2.05 5.41 -17.85
C ALA A 324 2.87 4.13 -17.83
N VAL A 325 2.57 3.29 -16.85
CA VAL A 325 3.29 2.04 -16.65
C VAL A 325 2.27 0.92 -16.52
N PHE A 326 2.52 -0.18 -17.22
CA PHE A 326 1.61 -1.31 -17.33
C PHE A 326 2.34 -2.56 -16.83
N PHE A 327 1.68 -3.33 -16.00
CA PHE A 327 2.19 -4.64 -15.65
C PHE A 327 1.08 -5.65 -15.89
N GLY A 328 1.42 -6.71 -16.60
CA GLY A 328 0.46 -7.77 -16.89
C GLY A 328 1.10 -9.12 -16.65
N ALA A 329 0.26 -10.05 -16.19
CA ALA A 329 0.67 -11.46 -16.04
C ALA A 329 -0.44 -12.36 -16.55
N MET A 330 -0.08 -13.32 -17.40
CA MET A 330 -1.00 -14.31 -17.94
C MET A 330 -0.49 -15.68 -17.50
N TYR A 331 -1.29 -16.41 -16.72
CA TYR A 331 -0.87 -17.64 -16.05
C TYR A 331 -1.54 -18.84 -16.69
N ASP A 332 -0.75 -19.68 -17.37
CA ASP A 332 -1.22 -20.89 -18.01
C ASP A 332 -1.41 -21.97 -16.94
N LEU A 333 -2.60 -22.55 -16.87
CA LEU A 333 -2.95 -23.52 -15.83
C LEU A 333 -2.63 -24.98 -16.22
N LYS A 334 -1.81 -25.19 -17.26
CA LYS A 334 -1.56 -26.55 -17.74
C LYS A 334 -1.01 -27.48 -16.66
N ASN A 335 -0.27 -26.96 -15.69
CA ASN A 335 0.30 -27.81 -14.65
C ASN A 335 -0.66 -28.13 -13.51
N TRP A 336 -1.78 -27.44 -13.43
CA TRP A 336 -2.95 -27.93 -12.69
C TRP A 336 -3.76 -28.92 -13.51
N ASN A 337 -3.18 -29.40 -14.61
CA ASN A 337 -3.87 -30.29 -15.54
C ASN A 337 -5.15 -29.65 -16.04
N LEU A 338 -5.06 -28.37 -16.39
CA LEU A 338 -6.14 -27.64 -17.06
C LEU A 338 -5.56 -27.00 -18.32
N PRO A 339 -5.02 -27.81 -19.21
CA PRO A 339 -4.42 -27.26 -20.44
C PRO A 339 -5.47 -26.48 -21.21
N GLY A 340 -5.08 -25.31 -21.70
CA GLY A 340 -6.00 -24.43 -22.39
C GLY A 340 -6.67 -23.39 -21.53
N PHE A 341 -6.59 -23.56 -20.20
CA PHE A 341 -7.15 -22.60 -19.26
CA PHE A 341 -7.15 -22.60 -19.26
C PHE A 341 -6.05 -21.63 -18.86
N ALA A 342 -6.33 -20.33 -18.93
CA ALA A 342 -5.37 -19.34 -18.46
C ALA A 342 -6.15 -18.25 -17.77
N ILE A 343 -5.54 -17.68 -16.74
CA ILE A 343 -6.09 -16.59 -15.97
C ILE A 343 -5.02 -15.50 -15.91
N GLY A 344 -5.46 -14.25 -15.89
CA GLY A 344 -4.53 -13.15 -15.88
C GLY A 344 -5.07 -11.91 -15.20
N ALA A 345 -4.17 -10.98 -14.99
CA ALA A 345 -4.43 -9.76 -14.26
C ALA A 345 -3.47 -8.71 -14.78
N SER A 346 -3.90 -7.46 -14.76
CA SER A 346 -3.04 -6.39 -15.21
C SER A 346 -3.42 -5.12 -14.46
N TYR A 347 -2.51 -4.15 -14.51
CA TYR A 347 -2.64 -2.91 -13.77
C TYR A 347 -1.92 -1.80 -14.50
N VAL A 348 -2.55 -0.63 -14.57
CA VAL A 348 -1.92 0.55 -15.17
C VAL A 348 -2.01 1.69 -14.17
N TYR A 349 -0.93 2.43 -14.02
CA TYR A 349 -0.94 3.69 -13.31
C TYR A 349 -0.30 4.74 -14.21
N ALA A 350 -0.98 5.88 -14.40
CA ALA A 350 -0.48 6.90 -15.30
C ALA A 350 -0.62 8.26 -14.63
N TRP A 351 0.35 9.12 -14.86
CA TRP A 351 0.39 10.40 -14.18
C TRP A 351 0.82 11.48 -15.17
N ASP A 352 0.69 12.74 -14.72
CA ASP A 352 1.19 13.90 -15.47
C ASP A 352 0.36 14.17 -16.73
N ALA A 353 -0.90 13.75 -16.72
CA ALA A 353 -1.74 13.91 -17.90
C ALA A 353 -2.22 15.36 -17.94
N LYS A 354 -1.84 16.10 -18.99
CA LYS A 354 -2.22 17.50 -19.17
C LYS A 354 -3.33 17.65 -20.19
N PRO A 355 -4.04 18.80 -20.17
CA PRO A 355 -5.05 19.07 -21.18
C PRO A 355 -4.47 19.73 -22.42
N ALA A 356 -5.32 19.92 -23.41
CA ALA A 356 -4.97 20.80 -24.52
C ALA A 356 -4.38 22.09 -23.99
N THR A 357 -3.40 22.64 -24.71
CA THR A 357 -2.74 23.84 -24.25
C THR A 357 -3.52 25.12 -24.61
N TRP A 358 -4.54 25.01 -25.44
CA TRP A 358 -5.48 26.11 -25.63
C TRP A 358 -6.81 25.49 -26.03
N GLN A 359 -7.87 26.26 -25.82
CA GLN A 359 -9.24 25.89 -26.08
C GLN A 359 -9.94 27.12 -26.63
N SER A 360 -10.85 26.91 -27.59
CA SER A 360 -11.58 28.02 -28.17
CA SER A 360 -11.60 27.99 -28.18
C SER A 360 -12.83 28.35 -27.36
N ASN A 361 -13.52 27.33 -26.84
CA ASN A 361 -14.67 27.52 -25.96
C ASN A 361 -14.44 26.73 -24.68
N PRO A 362 -13.50 27.15 -23.85
CA PRO A 362 -13.19 26.40 -22.63
C PRO A 362 -14.42 26.19 -21.76
N ASP A 363 -14.41 25.08 -21.05
CA ASP A 363 -15.48 24.76 -20.11
C ASP A 363 -15.05 25.17 -18.71
N ALA A 364 -15.96 24.98 -17.75
CA ALA A 364 -15.70 25.40 -16.38
C ALA A 364 -14.40 24.83 -15.83
N TYR A 365 -14.06 23.62 -16.22
CA TYR A 365 -12.97 22.93 -15.59
C TYR A 365 -11.64 23.10 -16.31
N TYR A 366 -11.60 23.84 -17.41
CA TYR A 366 -10.37 23.91 -18.16
C TYR A 366 -9.34 24.75 -17.40
N ASP A 367 -8.18 24.16 -17.13
CA ASP A 367 -7.04 24.88 -16.56
C ASP A 367 -5.77 24.38 -17.24
N LYS A 368 -5.24 25.20 -18.13
CA LYS A 368 -4.10 24.84 -18.97
C LYS A 368 -2.99 24.13 -18.22
N ASN A 369 -2.73 24.49 -16.96
CA ASN A 369 -1.59 23.96 -16.23
C ASN A 369 -1.96 22.90 -15.19
N ARG A 370 -3.17 22.36 -15.25
CA ARG A 370 -3.50 21.20 -14.44
C ARG A 370 -2.76 19.96 -14.94
N THR A 371 -2.58 19.00 -14.03
CA THR A 371 -2.15 17.63 -14.39
C THR A 371 -3.01 16.66 -13.57
N ILE A 372 -3.30 15.50 -14.16
CA ILE A 372 -4.12 14.51 -13.48
C ILE A 372 -3.48 13.14 -13.63
N GLU A 373 -4.16 12.15 -13.07
CA GLU A 373 -3.67 10.77 -13.04
C GLU A 373 -4.83 9.86 -13.37
N GLU A 374 -4.49 8.66 -13.86
CA GLU A 374 -5.45 7.64 -14.19
C GLU A 374 -4.86 6.28 -13.80
N SER A 375 -5.71 5.31 -13.52
CA SER A 375 -5.23 3.96 -13.25
C SER A 375 -6.35 2.98 -13.57
N ALA A 376 -5.97 1.70 -13.70
CA ALA A 376 -6.92 0.65 -14.02
C ALA A 376 -6.30 -0.69 -13.64
N TYR A 377 -7.15 -1.67 -13.42
CA TYR A 377 -6.72 -3.06 -13.33
C TYR A 377 -7.77 -3.89 -14.05
N SER A 378 -7.33 -5.00 -14.61
CA SER A 378 -8.20 -5.93 -15.32
CA SER A 378 -8.20 -5.92 -15.33
C SER A 378 -7.89 -7.35 -14.88
N LEU A 379 -8.87 -8.22 -15.06
CA LEU A 379 -8.74 -9.64 -14.79
C LEU A 379 -9.19 -10.35 -16.06
N ASP A 380 -8.57 -11.48 -16.35
CA ASP A 380 -8.77 -12.20 -17.59
C ASP A 380 -8.87 -13.68 -17.28
N ALA A 381 -9.82 -14.34 -17.91
CA ALA A 381 -9.90 -15.79 -17.94
C ALA A 381 -10.15 -16.20 -19.38
N VAL A 382 -9.46 -17.25 -19.80
CA VAL A 382 -9.50 -17.76 -21.17
C VAL A 382 -9.51 -19.28 -21.14
N TYR A 383 -10.34 -19.88 -21.99
CA TYR A 383 -10.29 -21.31 -22.22
C TYR A 383 -10.36 -21.54 -23.72
N THR A 384 -9.49 -22.39 -24.22
CA THR A 384 -9.51 -22.85 -25.60
C THR A 384 -9.75 -24.34 -25.60
N ILE A 385 -10.73 -24.79 -26.39
CA ILE A 385 -11.03 -26.22 -26.47
C ILE A 385 -9.86 -26.94 -27.10
N GLN A 386 -9.43 -28.05 -26.48
CA GLN A 386 -8.18 -28.68 -26.87
C GLN A 386 -8.34 -29.74 -27.96
N ASP A 387 -9.44 -30.47 -27.97
CA ASP A 387 -9.61 -31.59 -28.89
C ASP A 387 -11.06 -31.67 -29.35
N GLY A 388 -11.27 -32.49 -30.39
CA GLY A 388 -12.61 -32.84 -30.80
C GLY A 388 -13.16 -31.97 -31.91
N ARG A 389 -14.50 -31.96 -31.98
CA ARG A 389 -15.21 -31.19 -32.99
C ARG A 389 -14.82 -29.71 -32.95
N ALA A 390 -14.85 -29.14 -31.75
CA ALA A 390 -14.72 -27.70 -31.55
C ALA A 390 -13.29 -27.28 -31.22
N LYS A 391 -12.30 -28.02 -31.73
CA LYS A 391 -10.93 -27.71 -31.39
C LYS A 391 -10.59 -26.29 -31.84
N GLY A 392 -9.98 -25.52 -30.95
CA GLY A 392 -9.61 -24.16 -31.23
C GLY A 392 -10.65 -23.11 -30.86
N THR A 393 -11.87 -23.54 -30.53
CA THR A 393 -12.90 -22.61 -30.09
C THR A 393 -12.53 -22.03 -28.74
N MET A 394 -12.63 -20.72 -28.62
CA MET A 394 -12.08 -19.99 -27.50
C MET A 394 -13.16 -19.20 -26.80
N PHE A 395 -13.06 -19.18 -25.48
CA PHE A 395 -13.99 -18.47 -24.61
C PHE A 395 -13.16 -17.51 -23.81
N LYS A 396 -13.60 -16.25 -23.72
CA LYS A 396 -12.81 -15.26 -23.02
C LYS A 396 -13.72 -14.41 -22.14
N LEU A 397 -13.18 -13.99 -21.01
CA LEU A 397 -13.90 -13.19 -20.05
C LEU A 397 -12.94 -12.15 -19.53
N HIS A 398 -13.32 -10.88 -19.62
CA HIS A 398 -12.46 -9.77 -19.32
C HIS A 398 -13.21 -8.78 -18.45
N PHE A 399 -12.59 -8.41 -17.34
CA PHE A 399 -13.15 -7.41 -16.44
C PHE A 399 -12.13 -6.31 -16.26
N THR A 400 -12.58 -5.04 -16.36
CA THR A 400 -11.75 -3.89 -16.11
C THR A 400 -12.46 -2.94 -15.14
N GLU A 401 -11.71 -2.39 -14.22
CA GLU A 401 -12.14 -1.32 -13.35
C GLU A 401 -11.23 -0.14 -13.64
N TYR A 402 -11.81 0.96 -14.10
CA TYR A 402 -11.04 2.11 -14.52
C TYR A 402 -11.34 3.29 -13.62
N ASP A 403 -10.30 4.03 -13.24
CA ASP A 403 -10.41 5.10 -12.27
C ASP A 403 -9.74 6.36 -12.80
N ASN A 404 -10.55 7.36 -13.15
CA ASN A 404 -10.11 8.73 -13.37
C ASN A 404 -9.85 9.37 -12.01
N HIS A 405 -8.63 9.87 -11.80
CA HIS A 405 -8.27 10.47 -10.51
C HIS A 405 -8.59 11.96 -10.49
N SER A 406 -9.71 12.32 -11.11
CA SER A 406 -10.25 13.68 -11.20
C SER A 406 -11.75 13.56 -11.06
N ASP A 407 -12.43 14.68 -10.90
CA ASP A 407 -13.88 14.67 -11.02
C ASP A 407 -14.35 15.50 -12.20
N ILE A 408 -13.44 15.85 -13.11
CA ILE A 408 -13.78 16.42 -14.41
C ILE A 408 -14.78 15.51 -15.10
N PRO A 409 -15.91 16.00 -15.59
CA PRO A 409 -16.85 15.11 -16.28
C PRO A 409 -16.22 14.55 -17.57
N SER A 410 -16.86 13.52 -18.11
CA SER A 410 -16.28 12.76 -19.21
C SER A 410 -16.16 13.65 -20.45
N TRP A 411 -14.98 13.65 -21.04
CA TRP A 411 -14.64 14.32 -22.30
C TRP A 411 -14.46 15.81 -22.05
N GLY A 412 -14.40 16.25 -20.79
CA GLY A 412 -14.40 17.64 -20.46
C GLY A 412 -13.06 18.14 -19.95
N GLY A 413 -13.04 19.43 -19.62
CA GLY A 413 -11.87 20.01 -19.00
C GLY A 413 -10.67 20.20 -19.89
N GLY A 414 -10.83 20.08 -21.20
CA GLY A 414 -9.66 20.09 -22.06
C GLY A 414 -8.94 18.75 -22.18
N TYR A 415 -9.51 17.68 -21.61
CA TYR A 415 -9.03 16.31 -21.81
C TYR A 415 -10.03 15.60 -22.73
N GLY A 416 -9.85 15.78 -24.03
CA GLY A 416 -10.87 15.35 -24.96
C GLY A 416 -10.99 13.86 -25.23
N ASN A 417 -10.06 13.07 -24.71
CA ASN A 417 -10.10 11.62 -24.88
C ASN A 417 -10.08 10.89 -23.55
N ILE A 418 -10.29 11.59 -22.43
CA ILE A 418 -10.34 10.97 -21.10
C ILE A 418 -11.79 11.01 -20.64
N PHE A 419 -12.29 9.88 -20.18
CA PHE A 419 -13.65 9.73 -19.66
C PHE A 419 -13.58 9.36 -18.17
N GLN A 420 -14.74 9.12 -17.57
CA GLN A 420 -14.81 8.96 -16.12
C GLN A 420 -14.81 7.49 -15.72
N ASP A 421 -14.62 7.26 -14.41
CA ASP A 421 -14.52 5.91 -13.84
C ASP A 421 -15.50 4.97 -14.53
N GLU A 422 -15.03 3.75 -14.81
CA GLU A 422 -15.84 2.74 -15.47
C GLU A 422 -15.62 1.36 -14.86
N ARG A 423 -16.65 0.52 -15.00
CA ARG A 423 -16.49 -0.91 -14.82
C ARG A 423 -16.95 -1.55 -16.13
N ASP A 424 -16.17 -2.51 -16.61
CA ASP A 424 -16.36 -3.09 -17.93
C ASP A 424 -16.22 -4.59 -17.83
N VAL A 425 -17.21 -5.32 -18.32
CA VAL A 425 -17.12 -6.77 -18.43
C VAL A 425 -17.47 -7.18 -19.85
N LYS A 426 -16.57 -7.96 -20.46
CA LYS A 426 -16.73 -8.51 -21.79
C LYS A 426 -16.60 -10.03 -21.74
N PHE A 427 -17.55 -10.73 -22.35
CA PHE A 427 -17.49 -12.15 -22.56
C PHE A 427 -17.57 -12.37 -24.07
N MET A 428 -16.64 -13.14 -24.60
CA MET A 428 -16.67 -13.45 -26.02
C MET A 428 -16.38 -14.92 -26.26
N VAL A 429 -16.93 -15.41 -27.35
CA VAL A 429 -16.67 -16.76 -27.84
C VAL A 429 -16.27 -16.62 -29.31
N ILE A 430 -15.24 -17.36 -29.68
CA ILE A 430 -14.62 -17.29 -31.01
C ILE A 430 -14.47 -18.73 -31.50
N ALA A 431 -15.13 -19.04 -32.62
CA ALA A 431 -15.27 -20.39 -33.13
C ALA A 431 -14.88 -20.42 -34.59
N PRO A 432 -13.60 -20.63 -34.88
CA PRO A 432 -13.15 -20.67 -36.27
C PRO A 432 -13.48 -22.00 -36.92
N PHE A 433 -13.58 -21.96 -38.25
CA PHE A 433 -13.79 -23.17 -39.02
C PHE A 433 -13.10 -23.03 -40.36
N THR A 434 -12.87 -24.18 -41.00
CA THR A 434 -12.28 -24.26 -42.32
C THR A 434 -13.21 -25.06 -43.20
N ILE A 435 -13.64 -24.50 -44.31
CA ILE A 435 -14.39 -25.26 -45.28
C ILE A 435 -13.46 -25.96 -46.25
N PHE A 436 -12.39 -25.29 -46.66
CA PHE A 436 -11.29 -26.01 -47.33
C PHE A 436 -9.99 -25.20 -47.34
N GLY B 2 10.18 -22.61 7.65
CA GLY B 2 9.88 -21.34 7.01
C GLY B 2 8.66 -20.61 7.54
N PHE B 3 8.04 -19.79 6.68
CA PHE B 3 6.91 -18.94 7.08
C PHE B 3 5.85 -19.75 7.81
N ILE B 4 5.44 -20.88 7.25
CA ILE B 4 4.34 -21.63 7.87
C ILE B 4 4.85 -22.50 8.99
N ASP B 5 5.97 -23.20 8.73
CA ASP B 5 6.42 -24.22 9.67
C ASP B 5 6.79 -23.61 11.01
N ASP B 6 7.38 -22.42 11.01
CA ASP B 6 7.83 -21.79 12.24
C ASP B 6 6.79 -20.86 12.85
N SER B 7 5.58 -20.85 12.30
CA SER B 7 4.48 -20.07 12.85
C SER B 7 4.15 -20.55 14.26
N THR B 8 3.82 -19.61 15.15
CA THR B 8 3.29 -19.92 16.46
C THR B 8 2.00 -19.14 16.70
N LEU B 9 1.15 -19.71 17.53
CA LEU B 9 -0.11 -19.08 17.91
C LEU B 9 -0.27 -19.36 19.39
N THR B 10 -0.26 -18.30 20.19
CA THR B 10 -0.27 -18.41 21.64
C THR B 10 -1.26 -17.38 22.17
N GLY B 11 -1.48 -17.43 23.47
CA GLY B 11 -2.35 -16.45 24.07
C GLY B 11 -2.47 -16.68 25.55
N GLY B 12 -3.52 -16.15 26.12
CA GLY B 12 -3.71 -16.22 27.54
C GLY B 12 -5.09 -15.83 27.96
N ILE B 13 -5.45 -16.28 29.15
CA ILE B 13 -6.62 -15.77 29.87
C ILE B 13 -6.10 -15.12 31.13
N TYR B 14 -6.64 -13.95 31.46
CA TYR B 14 -6.17 -13.17 32.58
C TYR B 14 -7.34 -12.63 33.41
N TYR B 15 -7.11 -12.55 34.71
CA TYR B 15 -8.10 -12.08 35.65
C TYR B 15 -7.44 -11.10 36.62
N TRP B 16 -8.14 -10.00 36.91
CA TRP B 16 -7.57 -8.96 37.75
C TRP B 16 -8.68 -8.40 38.61
N GLN B 17 -8.43 -8.34 39.90
CA GLN B 17 -9.43 -7.85 40.84
C GLN B 17 -8.70 -6.93 41.79
N ARG B 18 -9.22 -5.73 42.00
CA ARG B 18 -8.46 -4.74 42.74
C ARG B 18 -9.37 -3.90 43.62
N GLU B 19 -8.83 -3.54 44.77
CA GLU B 19 -9.51 -2.63 45.69
C GLU B 19 -8.46 -1.65 46.19
N ARG B 20 -8.65 -0.38 45.87
CA ARG B 20 -7.73 0.66 46.28
C ARG B 20 -8.54 1.80 46.90
N ASP B 21 -8.06 2.30 48.04
CA ASP B 21 -8.69 3.40 48.75
CA ASP B 21 -8.69 3.39 48.76
C ASP B 21 -7.64 4.47 49.01
N ARG B 22 -8.09 5.73 49.08
CA ARG B 22 -7.16 6.83 49.22
C ARG B 22 -7.73 7.84 50.21
N LYS B 23 -6.84 8.42 51.02
CA LYS B 23 -7.24 9.39 52.03
C LYS B 23 -7.60 10.73 51.38
N ASP B 24 -8.79 11.24 51.72
CA ASP B 24 -9.25 12.59 51.34
C ASP B 24 -9.04 13.53 52.53
N VAL B 25 -7.88 14.21 52.56
CA VAL B 25 -7.58 15.15 53.62
C VAL B 25 -8.43 16.41 53.56
N THR B 26 -9.19 16.60 52.48
CA THR B 26 -10.16 17.68 52.41
C THR B 26 -11.42 17.36 53.20
N ASP B 27 -11.62 16.10 53.57
CA ASP B 27 -12.88 15.63 54.14
C ASP B 27 -12.62 14.80 55.39
N GLY B 28 -11.81 15.32 56.29
CA GLY B 28 -11.57 14.65 57.55
C GLY B 28 -10.87 13.33 57.42
N ASP B 29 -10.11 13.14 56.35
CA ASP B 29 -9.23 11.99 56.17
C ASP B 29 -9.98 10.69 55.93
N LYS B 30 -11.21 10.73 55.43
CA LYS B 30 -11.87 9.47 55.07
C LYS B 30 -11.10 8.76 53.94
N TYR B 31 -10.59 7.56 54.20
CA TYR B 31 -10.15 6.73 53.10
C TYR B 31 -11.37 6.40 52.27
N LYS B 32 -11.34 6.75 50.98
CA LYS B 32 -12.47 6.49 50.10
C LYS B 32 -12.08 5.56 48.95
N THR B 33 -13.07 4.80 48.50
CA THR B 33 -12.93 3.97 47.31
C THR B 33 -12.34 4.77 46.17
N ASN B 34 -11.16 4.37 45.72
CA ASN B 34 -10.51 4.92 44.55
C ASN B 34 -10.57 3.97 43.37
N LEU B 35 -10.31 2.67 43.60
CA LEU B 35 -10.55 1.66 42.59
C LEU B 35 -11.24 0.47 43.22
N SER B 36 -12.22 -0.10 42.52
CA SER B 36 -12.81 -1.36 42.94
C SER B 36 -13.40 -2.00 41.70
N HIS B 37 -12.78 -3.06 41.19
CA HIS B 37 -13.26 -3.68 39.96
C HIS B 37 -12.73 -5.10 39.85
N SER B 38 -13.37 -5.86 38.96
CA SER B 38 -12.98 -7.21 38.59
C SER B 38 -13.08 -7.27 37.08
N THR B 39 -11.99 -7.64 36.42
CA THR B 39 -11.91 -7.55 34.97
C THR B 39 -11.15 -8.71 34.38
N TRP B 40 -11.64 -9.20 33.23
CA TRP B 40 -10.97 -10.23 32.46
C TRP B 40 -10.29 -9.65 31.22
N ASN B 41 -9.20 -10.29 30.85
CA ASN B 41 -8.55 -10.06 29.59
C ASN B 41 -8.33 -11.43 28.95
N ALA B 42 -8.25 -11.45 27.62
CA ALA B 42 -7.78 -12.65 26.91
C ALA B 42 -7.10 -12.16 25.65
N ASN B 43 -6.04 -12.85 25.23
CA ASN B 43 -5.38 -12.47 23.99
C ASN B 43 -5.08 -13.68 23.12
N LEU B 44 -4.80 -13.37 21.85
CA LEU B 44 -4.35 -14.33 20.85
C LEU B 44 -3.29 -13.63 20.01
N ASP B 45 -2.16 -14.30 19.82
CA ASP B 45 -0.96 -13.70 19.24
C ASP B 45 -0.40 -14.68 18.22
N PHE B 46 -0.48 -14.30 16.94
CA PHE B 46 0.08 -15.08 15.85
C PHE B 46 1.39 -14.47 15.42
N GLN B 47 2.44 -15.29 15.41
CA GLN B 47 3.74 -14.91 14.91
C GLN B 47 4.16 -15.91 13.85
N SER B 48 4.39 -15.41 12.65
CA SER B 48 4.76 -16.28 11.54
C SER B 48 6.26 -16.56 11.56
N GLY B 49 6.65 -17.54 10.76
CA GLY B 49 8.04 -17.74 10.42
C GLY B 49 8.47 -16.71 9.39
N TYR B 50 9.69 -16.89 8.91
CA TYR B 50 10.22 -16.00 7.88
C TYR B 50 10.28 -16.76 6.55
N ALA B 51 9.46 -16.33 5.60
CA ALA B 51 9.62 -16.78 4.23
C ALA B 51 10.99 -16.39 3.70
N ALA B 52 11.74 -17.39 3.22
CA ALA B 52 13.09 -17.20 2.71
C ALA B 52 14.02 -16.65 3.77
N ASP B 53 13.67 -16.87 5.04
CA ASP B 53 14.32 -16.22 6.18
C ASP B 53 14.39 -14.69 6.01
N MET B 54 13.37 -14.09 5.39
CA MET B 54 13.37 -12.64 5.25
C MET B 54 12.02 -11.95 5.47
N PHE B 55 10.88 -12.60 5.28
CA PHE B 55 9.60 -11.88 5.29
C PHE B 55 8.62 -12.59 6.20
N GLY B 56 8.06 -11.87 7.16
CA GLY B 56 7.05 -12.43 8.04
C GLY B 56 5.97 -11.43 8.37
N LEU B 57 5.02 -11.90 9.18
CA LEU B 57 3.87 -11.11 9.61
CA LEU B 57 3.90 -11.07 9.63
C LEU B 57 3.54 -11.53 11.04
N ASP B 58 3.09 -10.57 11.84
CA ASP B 58 2.59 -10.83 13.18
C ASP B 58 1.24 -10.12 13.33
N ILE B 59 0.31 -10.78 14.00
CA ILE B 59 -1.04 -10.26 14.24
CA ILE B 59 -1.03 -10.24 14.25
C ILE B 59 -1.48 -10.73 15.61
N ALA B 60 -1.95 -9.81 16.44
CA ALA B 60 -2.40 -10.16 17.76
C ALA B 60 -3.52 -9.24 18.16
N ALA B 61 -4.44 -9.78 18.95
CA ALA B 61 -5.59 -9.03 19.44
C ALA B 61 -5.91 -9.49 20.84
N PHE B 62 -6.47 -8.59 21.61
CA PHE B 62 -6.92 -8.93 22.94
C PHE B 62 -8.28 -8.34 23.23
N THR B 63 -8.91 -8.88 24.24
CA THR B 63 -10.22 -8.41 24.66
C THR B 63 -10.17 -8.22 26.16
N ALA B 64 -10.95 -7.27 26.62
CA ALA B 64 -11.19 -7.04 28.04
C ALA B 64 -12.69 -7.07 28.27
N ILE B 65 -13.08 -7.69 29.38
CA ILE B 65 -14.48 -7.90 29.73
C ILE B 65 -14.64 -7.49 31.18
N GLU B 66 -15.44 -6.45 31.42
CA GLU B 66 -15.72 -6.07 32.79
C GLU B 66 -16.60 -7.11 33.47
N MET B 67 -16.32 -7.38 34.74
CA MET B 67 -17.14 -8.28 35.52
C MET B 67 -17.84 -7.55 36.65
N ALA B 68 -17.10 -6.74 37.40
CA ALA B 68 -17.66 -5.98 38.50
C ALA B 68 -16.92 -4.66 38.62
N GLU B 69 -17.58 -3.69 39.23
CA GLU B 69 -17.02 -2.36 39.39
C GLU B 69 -17.92 -1.59 40.35
N ASN B 70 -17.36 -1.12 41.46
CA ASN B 70 -18.08 -0.27 42.40
C ASN B 70 -18.46 1.04 41.70
N GLY B 71 -19.62 1.57 42.08
CA GLY B 71 -20.06 2.86 41.54
C GLY B 71 -19.09 3.98 41.78
N ASP B 72 -18.23 3.85 42.79
CA ASP B 72 -17.30 4.89 43.16
C ASP B 72 -15.87 4.60 42.75
N SER B 73 -15.62 3.56 41.96
CA SER B 73 -14.29 3.35 41.42
C SER B 73 -14.02 4.41 40.34
N SER B 74 -12.80 4.94 40.33
CA SER B 74 -12.40 5.98 39.41
C SER B 74 -12.09 5.35 38.06
N HIS B 75 -11.78 6.19 37.06
CA HIS B 75 -11.58 5.68 35.72
C HIS B 75 -10.48 6.49 35.04
N PRO B 76 -9.73 5.89 34.11
CA PRO B 76 -9.79 4.49 33.70
C PRO B 76 -8.97 3.57 34.66
N ASN B 77 -9.35 2.31 34.77
CA ASN B 77 -8.61 1.39 35.65
C ASN B 77 -7.42 0.73 34.96
N GLU B 78 -7.28 0.91 33.65
CA GLU B 78 -6.14 0.52 32.80
C GLU B 78 -6.15 -0.99 32.49
N ILE B 79 -7.09 -1.75 33.03
CA ILE B 79 -7.27 -3.16 32.68
C ILE B 79 -8.46 -3.33 31.74
N ALA B 80 -9.59 -2.69 32.04
CA ALA B 80 -10.63 -2.57 31.03
C ALA B 80 -10.20 -1.47 30.05
N PHE B 81 -11.04 -1.20 29.06
CA PHE B 81 -10.77 -0.09 28.15
C PHE B 81 -11.38 1.17 28.73
N SER B 82 -10.71 2.28 28.54
CA SER B 82 -11.32 3.53 28.94
C SER B 82 -12.59 3.78 28.12
N LYS B 83 -13.60 4.40 28.73
CA LYS B 83 -14.77 4.73 27.92
C LYS B 83 -14.41 5.72 26.81
N SER B 84 -13.32 6.46 27.00
CA SER B 84 -12.79 7.36 25.98
C SER B 84 -11.84 6.59 25.08
N ASN B 85 -12.14 6.53 23.79
CA ASN B 85 -11.34 5.68 22.92
C ASN B 85 -9.97 6.28 22.63
N LYS B 86 -9.86 7.60 22.56
CA LYS B 86 -8.59 8.25 22.31
C LYS B 86 -8.05 8.92 23.59
N ALA B 87 -6.74 8.77 23.82
CA ALA B 87 -6.11 9.34 25.01
C ALA B 87 -6.40 10.85 25.18
N TYR B 88 -6.31 11.62 24.13
CA TYR B 88 -6.50 13.06 24.32
C TYR B 88 -7.95 13.46 24.45
N ASP B 89 -8.88 12.53 24.35
CA ASP B 89 -10.26 12.78 24.70
C ASP B 89 -10.63 12.36 26.11
N GLU B 90 -9.72 11.69 26.81
CA GLU B 90 -10.00 11.14 28.13
C GLU B 90 -10.72 12.15 29.03
N ASP B 91 -11.85 11.75 29.59
CA ASP B 91 -12.54 12.59 30.55
C ASP B 91 -12.88 11.84 31.85
N TRP B 92 -12.25 10.68 32.09
CA TRP B 92 -12.21 10.04 33.39
C TRP B 92 -13.58 9.57 33.85
N SER B 93 -14.50 9.32 32.94
CA SER B 93 -15.85 9.03 33.37
C SER B 93 -16.25 7.58 33.28
N GLY B 94 -15.44 6.71 32.67
CA GLY B 94 -15.84 5.32 32.72
C GLY B 94 -14.85 4.37 32.09
N ASP B 95 -15.24 3.09 32.18
CA ASP B 95 -14.51 1.95 31.64
C ASP B 95 -15.49 1.12 30.83
N LYS B 96 -15.00 0.37 29.85
CA LYS B 96 -15.86 -0.50 29.06
C LYS B 96 -15.09 -1.73 28.58
N SER B 97 -15.85 -2.69 28.07
CA SER B 97 -15.28 -3.88 27.45
C SER B 97 -14.96 -3.57 26.00
N GLY B 98 -14.13 -4.40 25.39
CA GLY B 98 -13.79 -4.22 24.00
C GLY B 98 -12.82 -5.26 23.48
N ILE B 99 -12.45 -5.05 22.21
CA ILE B 99 -11.50 -5.85 21.47
C ILE B 99 -10.54 -4.91 20.76
N SER B 100 -9.23 -5.11 20.97
CA SER B 100 -8.22 -4.26 20.38
C SER B 100 -7.16 -5.07 19.65
N LEU B 101 -6.86 -4.62 18.43
CA LEU B 101 -5.74 -5.14 17.65
C LEU B 101 -4.44 -4.51 18.14
N TYR B 102 -3.59 -5.29 18.82
CA TYR B 102 -2.41 -4.66 19.43
C TYR B 102 -1.10 -4.98 18.73
N LYS B 103 -1.12 -5.85 17.74
CA LYS B 103 0.02 -6.02 16.85
C LYS B 103 -0.50 -6.38 15.48
N ALA B 104 0.06 -5.72 14.46
CA ALA B 104 -0.33 -5.91 13.08
C ALA B 104 0.84 -5.35 12.27
N ALA B 105 1.81 -6.23 11.96
CA ALA B 105 3.09 -5.78 11.46
C ALA B 105 3.68 -6.75 10.44
N ALA B 106 4.32 -6.18 9.42
CA ALA B 106 5.27 -6.91 8.61
C ALA B 106 6.63 -6.85 9.29
N LYS B 107 7.35 -7.98 9.27
CA LYS B 107 8.69 -8.06 9.81
C LYS B 107 9.64 -8.55 8.72
N PHE B 108 10.89 -8.12 8.81
CA PHE B 108 11.86 -8.25 7.74
C PHE B 108 13.21 -8.59 8.35
N LYS B 109 13.98 -9.38 7.61
CA LYS B 109 15.35 -9.72 7.99
C LYS B 109 16.21 -9.75 6.74
N TYR B 110 17.39 -9.14 6.82
CA TYR B 110 18.32 -9.14 5.69
C TYR B 110 19.73 -9.11 6.27
N GLY B 111 20.35 -10.28 6.36
CA GLY B 111 21.63 -10.40 6.99
C GLY B 111 21.56 -10.08 8.47
N PRO B 112 22.35 -9.10 8.89
CA PRO B 112 22.29 -8.64 10.28
C PRO B 112 21.28 -7.54 10.52
N VAL B 113 20.49 -7.13 9.50
CA VAL B 113 19.48 -6.07 9.65
C VAL B 113 18.12 -6.69 9.83
N TRP B 114 17.25 -5.99 10.55
CA TRP B 114 15.87 -6.42 10.82
C TRP B 114 15.00 -5.16 10.87
N ALA B 115 13.71 -5.35 10.60
CA ALA B 115 12.76 -4.26 10.64
C ALA B 115 11.37 -4.80 10.88
N ARG B 116 10.51 -3.93 11.42
CA ARG B 116 9.12 -4.26 11.68
C ARG B 116 8.37 -2.95 11.42
N ALA B 117 7.23 -3.02 10.76
CA ALA B 117 6.46 -1.81 10.51
C ALA B 117 4.98 -2.14 10.59
N GLY B 118 4.17 -1.16 10.97
CA GLY B 118 2.79 -1.45 11.24
C GLY B 118 2.34 -0.98 12.60
N TYR B 119 1.50 -1.78 13.23
CA TYR B 119 1.11 -1.66 14.64
C TYR B 119 2.13 -2.48 15.42
N ILE B 120 3.08 -1.80 16.11
CA ILE B 120 4.22 -2.47 16.69
C ILE B 120 4.44 -2.05 18.13
N GLN B 121 5.18 -2.88 18.86
CA GLN B 121 5.84 -2.50 20.10
C GLN B 121 7.31 -2.25 19.81
N PRO B 122 7.96 -1.30 20.49
CA PRO B 122 9.43 -1.17 20.37
C PRO B 122 10.08 -2.48 20.80
N THR B 123 11.07 -2.96 20.06
CA THR B 123 11.72 -4.20 20.42
C THR B 123 13.25 -4.13 20.46
N GLY B 124 13.84 -3.03 20.03
CA GLY B 124 15.29 -2.90 19.99
C GLY B 124 15.90 -2.15 21.14
N GLN B 125 16.79 -1.22 20.80
CA GLN B 125 17.64 -0.52 21.75
C GLN B 125 17.22 0.93 22.00
N THR B 126 16.05 1.37 21.49
CA THR B 126 15.72 2.78 21.64
C THR B 126 15.13 3.01 23.04
N LEU B 127 14.72 4.25 23.32
CA LEU B 127 14.10 4.51 24.60
C LEU B 127 12.58 4.66 24.51
N LEU B 128 11.99 4.42 23.34
CA LEU B 128 10.53 4.31 23.28
C LEU B 128 10.09 3.01 23.92
N ALA B 129 8.93 3.06 24.55
CA ALA B 129 8.39 1.86 25.18
C ALA B 129 6.88 1.96 25.20
N PRO B 130 6.19 0.83 25.19
CA PRO B 130 4.74 0.85 25.43
C PRO B 130 4.47 0.91 26.91
N HIS B 131 3.22 1.22 27.23
CA HIS B 131 2.71 0.88 28.54
C HIS B 131 2.37 -0.60 28.57
N TRP B 132 2.44 -1.21 29.76
CA TRP B 132 2.04 -2.59 29.97
C TRP B 132 0.93 -2.62 31.01
N SER B 133 -0.21 -3.18 30.64
CA SER B 133 -1.17 -3.69 31.61
C SER B 133 -0.94 -5.22 31.67
N PHE B 134 -1.90 -6.04 31.24
CA PHE B 134 -1.53 -7.41 30.88
C PHE B 134 -0.91 -7.38 29.48
N MET B 135 -1.47 -6.58 28.61
CA MET B 135 -1.01 -6.48 27.23
C MET B 135 -0.30 -5.14 27.06
N PRO B 136 0.52 -5.01 26.03
CA PRO B 136 1.24 -3.76 25.79
C PRO B 136 0.40 -2.77 24.98
N GLY B 137 0.77 -1.49 25.12
CA GLY B 137 0.37 -0.49 24.16
C GLY B 137 0.98 -0.71 22.78
N THR B 138 0.53 0.10 21.82
CA THR B 138 0.79 -0.10 20.40
C THR B 138 1.13 1.19 19.70
N TYR B 139 2.23 1.21 18.95
CA TYR B 139 2.62 2.35 18.16
C TYR B 139 2.30 2.10 16.69
N GLN B 140 1.90 3.14 15.99
CA GLN B 140 1.93 3.15 14.52
C GLN B 140 3.27 3.71 14.05
N GLY B 141 4.04 2.90 13.34
CA GLY B 141 5.35 3.33 12.91
C GLY B 141 6.17 2.13 12.48
N ALA B 142 7.49 2.31 12.55
CA ALA B 142 8.43 1.30 12.07
C ALA B 142 9.68 1.37 12.94
N GLU B 143 10.37 0.23 13.05
CA GLU B 143 11.65 0.16 13.71
C GLU B 143 12.57 -0.69 12.84
N ALA B 144 13.83 -0.28 12.74
CA ALA B 144 14.85 -1.04 12.05
C ALA B 144 16.10 -1.01 12.91
N GLY B 145 16.83 -2.13 12.93
CA GLY B 145 18.02 -2.21 13.74
C GLY B 145 18.97 -3.22 13.14
N ALA B 146 20.09 -3.41 13.83
CA ALA B 146 21.10 -4.33 13.32
C ALA B 146 21.83 -4.94 14.50
N ASN B 147 22.43 -6.10 14.25
CA ASN B 147 23.15 -6.85 15.28
C ASN B 147 24.47 -7.31 14.71
N PHE B 148 25.56 -6.99 15.39
CA PHE B 148 26.90 -7.31 14.94
C PHE B 148 27.63 -8.00 16.09
N ASP B 149 28.05 -9.23 15.84
CA ASP B 149 28.74 -10.01 16.86
C ASP B 149 30.22 -10.05 16.55
N TYR B 150 31.05 -9.78 17.55
CA TYR B 150 32.48 -9.67 17.36
C TYR B 150 33.22 -10.77 18.14
N GLY B 151 32.59 -11.93 18.29
CA GLY B 151 33.18 -12.96 19.16
C GLY B 151 33.45 -12.43 20.55
N ASP B 152 34.67 -12.66 21.09
CA ASP B 152 34.89 -12.23 22.45
C ASP B 152 35.06 -10.72 22.56
N ALA B 153 35.31 -10.03 21.46
CA ALA B 153 35.47 -8.60 21.59
C ALA B 153 34.14 -7.92 21.95
N GLY B 154 33.01 -8.64 21.82
CA GLY B 154 31.69 -8.16 22.23
C GLY B 154 30.62 -8.33 21.16
N ALA B 155 29.46 -7.71 21.40
CA ALA B 155 28.39 -7.69 20.42
C ALA B 155 27.72 -6.32 20.44
N LEU B 156 27.49 -5.76 19.26
CA LEU B 156 26.88 -4.47 19.08
C LEU B 156 25.49 -4.63 18.50
N SER B 157 24.53 -3.92 19.07
CA SER B 157 23.20 -3.79 18.50
CA SER B 157 23.19 -3.79 18.52
C SER B 157 22.75 -2.34 18.62
N PHE B 158 22.01 -1.88 17.61
CA PHE B 158 21.42 -0.55 17.63
C PHE B 158 20.14 -0.61 16.82
N SER B 159 19.22 0.33 17.07
CA SER B 159 17.98 0.39 16.34
C SER B 159 17.48 1.83 16.33
N TYR B 160 16.57 2.10 15.43
CA TYR B 160 15.92 3.39 15.26
C TYR B 160 14.43 3.12 15.12
N MET B 161 13.62 3.96 15.77
CA MET B 161 12.19 3.78 15.70
C MET B 161 11.57 5.15 15.46
N TRP B 162 10.56 5.18 14.62
CA TRP B 162 9.76 6.35 14.27
C TRP B 162 8.30 6.01 14.44
N THR B 163 7.51 6.95 14.96
CA THR B 163 6.10 6.66 15.18
C THR B 163 5.31 7.98 15.17
N ASN B 164 4.10 7.93 14.67
CA ASN B 164 3.26 9.14 14.64
C ASN B 164 1.93 8.98 15.37
N GLU B 165 1.62 7.81 15.89
CA GLU B 165 0.43 7.60 16.69
C GLU B 165 0.67 6.46 17.66
N TYR B 166 -0.12 6.45 18.73
CA TYR B 166 0.00 5.44 19.78
C TYR B 166 -1.36 5.09 20.38
N LYS B 167 -1.50 3.87 20.89
CA LYS B 167 -2.57 3.61 21.85
C LYS B 167 -2.10 2.82 23.03
N ALA B 168 -2.39 3.32 24.24
CA ALA B 168 -2.21 2.52 25.44
C ALA B 168 -3.16 1.31 25.44
N PRO B 169 -2.81 0.27 26.20
CA PRO B 169 -3.65 -0.94 26.19
C PRO B 169 -5.07 -0.71 26.70
N TRP B 170 -5.38 0.43 27.31
CA TRP B 170 -6.74 0.79 27.74
C TRP B 170 -7.41 1.77 26.78
N HIS B 171 -6.85 1.96 25.59
CA HIS B 171 -7.49 2.76 24.56
C HIS B 171 -7.70 1.90 23.34
N LEU B 172 -8.90 1.94 22.83
CA LEU B 172 -9.30 1.19 21.65
C LEU B 172 -8.84 1.81 20.36
N GLU B 173 -8.40 3.06 20.37
CA GLU B 173 -8.01 3.71 19.15
C GLU B 173 -6.72 4.46 19.36
N MET B 174 -6.00 4.63 18.27
CA MET B 174 -4.79 5.43 18.30
C MET B 174 -5.12 6.91 18.36
N ASP B 175 -4.20 7.67 18.90
CA ASP B 175 -4.28 9.11 18.85
C ASP B 175 -2.89 9.60 18.43
N GLU B 176 -2.86 10.80 17.90
CA GLU B 176 -1.65 11.51 17.55
C GLU B 176 -1.01 12.09 18.81
N PHE B 177 0.09 12.79 18.65
CA PHE B 177 0.81 13.34 19.80
C PHE B 177 0.63 14.85 19.83
N TYR B 178 0.63 15.40 21.06
CA TYR B 178 0.46 16.84 21.30
C TYR B 178 1.40 17.25 22.42
N GLN B 179 1.61 18.54 22.54
CA GLN B 179 2.26 19.11 23.72
C GLN B 179 1.30 19.09 24.91
N ASN B 180 1.77 19.64 26.01
CA ASN B 180 1.00 19.63 27.26
C ASN B 180 -0.40 20.24 27.09
N ASP B 181 -0.56 21.19 26.16
CA ASP B 181 -1.86 21.82 25.99
C ASP B 181 -2.88 20.95 25.26
N LYS B 182 -2.48 19.79 24.80
CA LYS B 182 -3.36 18.86 24.09
C LYS B 182 -3.85 19.41 22.78
N THR B 183 -3.16 20.41 22.22
CA THR B 183 -3.60 20.96 20.94
C THR B 183 -2.46 21.34 20.01
N THR B 184 -1.28 21.69 20.52
CA THR B 184 -0.11 21.92 19.68
C THR B 184 0.45 20.59 19.26
N LYS B 185 0.55 20.37 17.97
CA LYS B 185 0.85 19.05 17.49
C LYS B 185 2.34 18.72 17.59
N VAL B 186 2.60 17.47 17.91
CA VAL B 186 3.91 16.80 17.87
C VAL B 186 3.83 15.80 16.71
N ASP B 187 4.54 16.05 15.60
CA ASP B 187 4.29 15.30 14.38
C ASP B 187 4.76 13.85 14.51
N TYR B 188 5.79 13.60 15.30
CA TYR B 188 6.26 12.22 15.46
C TYR B 188 7.08 12.13 16.72
N LEU B 189 7.28 10.89 17.17
CA LEU B 189 8.35 10.57 18.09
C LEU B 189 9.33 9.66 17.36
N HIS B 190 10.63 9.83 17.61
CA HIS B 190 11.62 8.88 17.11
C HIS B 190 12.75 8.76 18.12
N SER B 191 13.49 7.66 17.98
CA SER B 191 14.53 7.34 18.94
C SER B 191 15.56 6.42 18.29
N PHE B 192 16.83 6.65 18.63
CA PHE B 192 17.95 5.82 18.24
C PHE B 192 18.65 5.37 19.51
N GLY B 193 19.05 4.10 19.56
CA GLY B 193 19.84 3.64 20.69
C GLY B 193 20.73 2.47 20.31
N ALA B 194 21.60 2.14 21.24
CA ALA B 194 22.61 1.09 21.03
C ALA B 194 22.88 0.36 22.32
N LYS B 195 23.50 -0.84 22.16
CA LYS B 195 23.79 -1.74 23.26
C LYS B 195 25.16 -2.30 22.90
N TYR B 196 26.10 -2.29 23.84
CA TYR B 196 27.35 -3.01 23.61
C TYR B 196 27.56 -4.00 24.76
N ASP B 197 27.62 -5.27 24.42
CA ASP B 197 27.83 -6.35 25.37
C ASP B 197 29.28 -6.77 25.21
N PHE B 198 30.10 -6.52 26.24
CA PHE B 198 31.52 -6.84 26.19
C PHE B 198 31.82 -8.30 26.51
N LYS B 199 30.79 -9.11 26.76
CA LYS B 199 30.94 -10.55 26.95
C LYS B 199 31.81 -10.87 28.14
N ASN B 200 32.02 -9.90 29.03
CA ASN B 200 32.67 -10.13 30.32
C ASN B 200 31.74 -9.76 31.46
N ASN B 201 30.43 -9.77 31.20
CA ASN B 201 29.39 -9.34 32.10
C ASN B 201 29.25 -7.82 32.21
N PHE B 202 30.04 -7.03 31.50
CA PHE B 202 29.85 -5.58 31.42
C PHE B 202 29.03 -5.28 30.18
N VAL B 203 28.03 -4.40 30.33
CA VAL B 203 27.12 -4.06 29.23
C VAL B 203 26.79 -2.58 29.33
N LEU B 204 26.94 -1.88 28.21
CA LEU B 204 26.60 -0.46 28.12
C LEU B 204 25.41 -0.31 27.16
N GLU B 205 24.48 0.58 27.51
CA GLU B 205 23.34 0.90 26.66
C GLU B 205 23.17 2.40 26.70
N ALA B 206 22.75 2.97 25.56
CA ALA B 206 22.36 4.37 25.56
C ALA B 206 21.39 4.64 24.42
N ALA B 207 20.62 5.72 24.58
CA ALA B 207 19.65 6.03 23.54
C ALA B 207 19.28 7.49 23.67
N PHE B 208 18.83 8.03 22.55
CA PHE B 208 18.43 9.42 22.37
C PHE B 208 17.06 9.37 21.73
N GLY B 209 16.18 10.26 22.17
CA GLY B 209 14.86 10.36 21.57
C GLY B 209 14.44 11.81 21.45
N GLN B 210 13.49 12.02 20.55
CA GLN B 210 12.82 13.31 20.43
C GLN B 210 11.32 13.16 20.22
N ALA B 211 10.59 14.09 20.80
CA ALA B 211 9.26 14.48 20.37
C ALA B 211 9.41 15.73 19.50
N GLU B 212 9.06 15.60 18.23
CA GLU B 212 9.24 16.61 17.21
C GLU B 212 8.83 17.98 17.76
N GLY B 213 9.79 18.90 17.76
CA GLY B 213 9.52 20.27 18.10
C GLY B 213 9.41 20.53 19.59
N TYR B 214 9.58 19.51 20.43
CA TYR B 214 9.19 19.70 21.80
C TYR B 214 10.16 19.18 22.85
N ILE B 215 10.63 17.94 22.72
CA ILE B 215 11.33 17.31 23.83
C ILE B 215 12.52 16.52 23.31
N ASP B 216 13.67 16.64 23.98
CA ASP B 216 14.81 15.74 23.75
C ASP B 216 14.95 14.85 24.97
N GLN B 217 15.22 13.56 24.75
CA GLN B 217 15.13 12.54 25.78
C GLN B 217 16.43 11.73 25.76
N TYR B 218 16.93 11.39 26.93
CA TYR B 218 18.21 10.69 27.00
C TYR B 218 18.08 9.47 27.89
N PHE B 219 18.90 8.45 27.57
CA PHE B 219 18.93 7.24 28.35
C PHE B 219 20.36 6.70 28.33
N ALA B 220 20.84 6.25 29.48
CA ALA B 220 22.14 5.58 29.49
C ALA B 220 22.19 4.58 30.64
N LYS B 221 22.84 3.44 30.38
CA LYS B 221 22.87 2.45 31.44
C LYS B 221 24.14 1.58 31.35
N ALA B 222 24.73 1.41 32.51
CA ALA B 222 25.88 0.54 32.69
C ALA B 222 25.50 -0.57 33.66
N SER B 223 25.78 -1.83 33.29
CA SER B 223 25.46 -2.96 34.13
CA SER B 223 25.47 -2.95 34.15
C SER B 223 26.67 -3.90 34.24
N TYR B 224 26.78 -4.55 35.39
CA TYR B 224 27.87 -5.47 35.69
C TYR B 224 27.36 -6.47 36.72
N LYS B 225 27.79 -7.72 36.56
CA LYS B 225 27.51 -8.77 37.53
C LYS B 225 28.84 -9.44 37.83
N PHE B 226 28.99 -9.90 39.07
CA PHE B 226 30.15 -10.71 39.42
C PHE B 226 29.75 -11.67 40.52
N ASP B 227 30.47 -12.78 40.62
CA ASP B 227 30.09 -13.81 41.58
C ASP B 227 30.57 -13.43 42.97
N ILE B 228 29.69 -13.59 43.94
CA ILE B 228 30.03 -13.59 45.35
C ILE B 228 29.47 -14.88 45.92
N ALA B 229 30.34 -15.73 46.48
CA ALA B 229 29.91 -17.00 47.04
C ALA B 229 29.18 -17.84 45.99
N GLY B 230 29.66 -17.76 44.75
CA GLY B 230 29.08 -18.54 43.68
C GLY B 230 27.75 -18.06 43.13
N SER B 231 27.26 -16.90 43.58
CA SER B 231 26.02 -16.33 43.05
C SER B 231 26.28 -14.91 42.56
N PRO B 232 25.70 -14.51 41.43
CA PRO B 232 26.03 -13.19 40.88
C PRO B 232 25.38 -12.05 41.66
N LEU B 233 26.19 -11.08 42.03
CA LEU B 233 25.70 -9.79 42.46
C LEU B 233 25.58 -8.93 41.19
N THR B 234 24.37 -8.49 40.89
CA THR B 234 24.10 -7.70 39.67
C THR B 234 23.98 -6.22 40.07
N THR B 235 24.63 -5.35 39.33
CA THR B 235 24.65 -3.94 39.63
CA THR B 235 24.64 -3.95 39.63
C THR B 235 24.40 -3.14 38.37
N SER B 236 23.82 -1.94 38.55
CA SER B 236 23.75 -1.06 37.41
C SER B 236 23.59 0.38 37.88
N TYR B 237 24.03 1.27 37.03
CA TYR B 237 23.84 2.70 37.14
C TYR B 237 22.98 3.11 35.94
N GLN B 238 21.92 3.89 36.20
CA GLN B 238 21.03 4.29 35.13
C GLN B 238 20.85 5.82 35.16
N PHE B 239 20.86 6.42 33.97
CA PHE B 239 20.59 7.84 33.78
C PHE B 239 19.42 8.02 32.81
N TYR B 240 18.43 8.83 33.21
CA TYR B 240 17.30 9.18 32.36
C TYR B 240 17.28 10.72 32.33
N GLY B 241 17.21 11.29 31.15
CA GLY B 241 17.22 12.74 31.02
C GLY B 241 16.21 13.24 30.00
N THR B 242 15.79 14.49 30.20
CA THR B 242 14.80 15.12 29.31
C THR B 242 14.97 16.64 29.36
N ARG B 243 14.83 17.28 28.20
CA ARG B 243 14.91 18.72 28.05
C ARG B 243 13.80 19.12 27.09
N ASP B 244 13.09 20.21 27.36
CA ASP B 244 12.06 20.63 26.42
C ASP B 244 12.57 21.84 25.61
N LYS B 245 11.82 22.18 24.58
CA LYS B 245 12.16 23.29 23.70
C LYS B 245 11.17 24.43 23.84
N VAL B 246 10.44 24.45 24.94
CA VAL B 246 9.47 25.49 25.24
C VAL B 246 9.86 26.04 26.59
N ASP B 247 10.40 27.26 26.60
CA ASP B 247 10.82 27.90 27.84
C ASP B 247 10.28 29.33 27.92
N ASP B 248 9.01 29.51 27.56
CA ASP B 248 8.37 30.83 27.54
C ASP B 248 7.39 31.03 28.67
N ARG B 249 7.31 30.08 29.60
CA ARG B 249 6.39 30.08 30.74
C ARG B 249 4.93 29.98 30.33
N SER B 250 4.68 29.41 29.15
CA SER B 250 3.38 28.96 28.73
C SER B 250 2.98 27.65 29.41
N VAL B 251 1.76 27.19 29.10
CA VAL B 251 1.27 25.91 29.60
CA VAL B 251 1.26 25.90 29.59
C VAL B 251 2.13 24.76 29.12
N ASN B 252 2.83 24.92 27.99
CA ASN B 252 3.66 23.87 27.41
C ASN B 252 5.08 23.83 27.97
N ASP B 253 5.46 24.77 28.82
CA ASP B 253 6.81 24.84 29.41
C ASP B 253 6.86 23.91 30.60
N LEU B 254 7.47 22.74 30.43
CA LEU B 254 7.53 21.68 31.44
C LEU B 254 8.74 21.76 32.38
N TYR B 255 9.92 21.92 31.82
CA TYR B 255 11.14 21.77 32.60
C TYR B 255 12.03 23.01 32.44
N ASP B 256 12.72 23.38 33.49
CA ASP B 256 13.82 24.33 33.40
C ASP B 256 15.13 23.55 33.28
N GLY B 257 15.81 23.71 32.16
CA GLY B 257 17.07 23.00 31.97
C GLY B 257 16.81 21.52 31.70
N THR B 258 17.79 20.70 32.00
CA THR B 258 17.65 19.26 31.83
C THR B 258 17.10 18.66 33.11
N ALA B 259 16.00 17.92 32.99
CA ALA B 259 15.43 17.21 34.09
C ALA B 259 16.03 15.78 34.02
N TRP B 260 16.24 15.15 35.16
CA TRP B 260 16.80 13.81 35.06
C TRP B 260 16.45 12.96 36.26
N LEU B 261 16.69 11.66 36.06
CA LEU B 261 16.52 10.64 37.09
C LEU B 261 17.73 9.73 36.97
N GLN B 262 18.42 9.55 38.09
CA GLN B 262 19.61 8.71 38.16
C GLN B 262 19.30 7.58 39.13
N ALA B 263 19.87 6.41 38.86
CA ALA B 263 19.51 5.28 39.68
C ALA B 263 20.69 4.33 39.79
N LEU B 264 20.75 3.65 40.93
CA LEU B 264 21.67 2.59 41.22
C LEU B 264 20.85 1.39 41.70
N THR B 265 21.19 0.21 41.22
CA THR B 265 20.48 -0.99 41.62
CA THR B 265 20.48 -0.99 41.61
C THR B 265 21.47 -2.09 41.98
N PHE B 266 21.09 -2.89 42.94
CA PHE B 266 21.85 -4.06 43.39
C PHE B 266 20.90 -5.22 43.53
N GLY B 267 21.28 -6.39 42.99
CA GLY B 267 20.44 -7.55 43.13
C GLY B 267 21.30 -8.78 43.42
N TYR B 268 20.82 -9.60 44.33
CA TYR B 268 21.56 -10.76 44.79
C TYR B 268 20.59 -11.82 45.27
N ARG B 269 20.86 -13.07 44.89
CA ARG B 269 20.08 -14.23 45.33
C ARG B 269 20.89 -14.91 46.43
N ALA B 270 20.39 -14.88 47.66
CA ALA B 270 21.09 -15.40 48.82
C ALA B 270 20.60 -16.80 49.16
N ALA B 271 21.56 -17.72 49.35
CA ALA B 271 21.24 -19.08 49.81
C ALA B 271 20.40 -19.84 48.80
N ASP B 272 20.50 -19.48 47.53
CA ASP B 272 19.70 -20.07 46.47
C ASP B 272 18.19 -19.96 46.73
N VAL B 273 17.71 -19.01 47.52
CA VAL B 273 16.30 -19.07 47.92
C VAL B 273 15.59 -17.74 48.13
N VAL B 274 16.33 -16.65 48.26
CA VAL B 274 15.69 -15.35 48.47
C VAL B 274 16.34 -14.33 47.56
N ASP B 275 15.56 -13.75 46.66
CA ASP B 275 16.04 -12.69 45.77
C ASP B 275 15.99 -11.37 46.52
N LEU B 276 17.13 -10.70 46.63
CA LEU B 276 17.21 -9.42 47.31
C LEU B 276 17.42 -8.30 46.29
N ARG B 277 16.78 -7.17 46.55
CA ARG B 277 16.93 -6.00 45.72
C ARG B 277 17.19 -4.79 46.60
N LEU B 278 18.24 -4.04 46.29
CA LEU B 278 18.47 -2.75 46.92
C LEU B 278 18.67 -1.72 45.81
N GLU B 279 17.85 -0.69 45.83
CA GLU B 279 17.84 0.27 44.74
C GLU B 279 17.60 1.68 45.29
N GLY B 280 18.16 2.64 44.58
CA GLY B 280 17.98 4.02 44.94
C GLY B 280 17.79 4.87 43.71
N THR B 281 17.04 5.96 43.88
CA THR B 281 16.85 6.90 42.79
C THR B 281 16.99 8.32 43.32
N TRP B 282 17.38 9.23 42.42
CA TRP B 282 17.53 10.67 42.70
C TRP B 282 17.07 11.44 41.47
N VAL B 283 16.21 12.44 41.69
CA VAL B 283 15.54 13.18 40.62
C VAL B 283 15.87 14.66 40.71
N LYS B 284 16.07 15.29 39.55
CA LYS B 284 16.03 16.74 39.39
C LYS B 284 14.98 17.04 38.33
N ALA B 285 14.03 17.90 38.66
CA ALA B 285 12.96 18.31 37.75
C ALA B 285 12.47 19.71 38.08
N ASP B 286 13.35 20.69 38.00
CA ASP B 286 12.91 22.07 38.18
C ASP B 286 12.01 22.50 37.00
N GLY B 287 11.17 23.48 37.25
CA GLY B 287 10.22 23.95 36.25
C GLY B 287 8.78 23.74 36.66
N GLN B 288 7.88 23.93 35.68
CA GLN B 288 6.46 23.99 35.97
C GLN B 288 5.87 22.63 36.30
N GLN B 289 6.37 21.58 35.67
CA GLN B 289 5.80 20.27 35.90
C GLN B 289 6.12 19.77 37.31
N GLY B 290 7.38 19.83 37.68
CA GLY B 290 7.81 19.48 39.01
C GLY B 290 8.13 18.02 39.24
N TYR B 291 8.13 17.21 38.18
CA TYR B 291 8.45 15.77 38.34
C TYR B 291 9.00 15.27 37.01
N PHE B 292 9.70 14.13 37.09
CA PHE B 292 10.40 13.58 35.93
C PHE B 292 9.48 12.63 35.19
N LEU B 293 9.54 12.68 33.85
CA LEU B 293 8.83 11.72 33.00
C LEU B 293 9.81 11.04 32.07
N GLN B 294 9.75 9.70 32.04
CA GLN B 294 10.51 8.91 31.10
C GLN B 294 9.91 8.94 29.70
N ARG B 295 8.72 9.49 29.54
CA ARG B 295 8.06 9.56 28.24
C ARG B 295 8.22 10.97 27.64
N MET B 296 8.14 11.03 26.33
CA MET B 296 8.40 12.27 25.60
C MET B 296 7.15 13.08 25.31
N THR B 297 5.96 12.62 25.70
CA THR B 297 4.77 13.44 25.62
C THR B 297 4.15 13.48 27.02
N PRO B 298 3.73 14.67 27.51
CA PRO B 298 3.43 14.78 28.94
C PRO B 298 2.06 14.28 29.30
N THR B 299 1.14 14.16 28.35
CA THR B 299 -0.25 13.85 28.70
C THR B 299 -0.35 12.39 29.11
N TYR B 300 -1.09 12.14 30.20
CA TYR B 300 -1.37 10.78 30.64
C TYR B 300 -1.81 9.89 29.47
N ALA B 301 -1.19 8.70 29.37
CA ALA B 301 -1.48 7.66 28.41
C ALA B 301 -1.05 7.96 26.97
N SER B 302 -0.30 9.05 26.72
CA SER B 302 -0.11 9.52 25.37
C SER B 302 1.03 8.86 24.64
N SER B 303 1.99 8.32 25.39
CA SER B 303 3.16 7.60 24.91
C SER B 303 3.84 7.04 26.16
N ASN B 304 4.88 6.22 25.96
CA ASN B 304 5.69 5.82 27.07
C ASN B 304 7.16 5.79 26.64
N GLY B 305 8.02 5.66 27.65
CA GLY B 305 9.45 5.57 27.42
C GLY B 305 10.05 4.54 28.37
N ARG B 306 11.29 4.18 28.06
CA ARG B 306 11.95 3.11 28.83
C ARG B 306 12.32 3.62 30.21
N LEU B 307 11.97 2.84 31.24
CA LEU B 307 12.37 3.13 32.62
C LEU B 307 12.55 1.78 33.29
N ASP B 308 13.80 1.43 33.62
CA ASP B 308 14.03 0.07 34.11
C ASP B 308 13.79 -0.05 35.62
N ILE B 309 13.44 1.03 36.29
CA ILE B 309 13.15 1.04 37.71
C ILE B 309 11.65 0.89 37.89
N TRP B 310 11.24 -0.17 38.60
CA TRP B 310 9.83 -0.29 38.96
C TRP B 310 9.73 -1.02 40.27
N TRP B 311 9.14 -0.38 41.27
CA TRP B 311 9.14 -0.90 42.63
C TRP B 311 7.78 -1.39 43.09
N ASP B 312 6.73 -1.18 42.28
CA ASP B 312 5.37 -1.66 42.59
C ASP B 312 4.92 -1.24 43.97
N ASN B 313 5.21 0.01 44.33
CA ASN B 313 4.80 0.61 45.58
C ASN B 313 4.01 1.90 45.36
N ARG B 314 3.16 1.85 44.33
CA ARG B 314 2.13 2.84 43.97
C ARG B 314 2.67 4.21 43.53
N SER B 315 3.49 4.85 44.34
CA SER B 315 4.00 6.13 43.87
C SER B 315 5.16 5.91 42.90
N ASP B 316 5.41 6.95 42.10
CA ASP B 316 6.53 6.95 41.19
C ASP B 316 7.82 7.45 41.83
N PHE B 317 7.72 8.12 42.99
CA PHE B 317 8.91 8.67 43.66
C PHE B 317 9.79 9.43 42.70
N ASN B 318 9.17 10.36 41.95
CA ASN B 318 9.83 11.04 40.85
C ASN B 318 9.67 12.57 40.92
N ALA B 319 9.38 13.10 42.09
CA ALA B 319 9.30 14.55 42.25
C ALA B 319 10.68 15.21 42.23
N ASN B 320 10.67 16.48 41.81
CA ASN B 320 11.86 17.30 41.82
C ASN B 320 12.60 17.13 43.13
N GLY B 321 13.91 16.86 43.01
CA GLY B 321 14.79 16.75 44.16
C GLY B 321 14.68 15.46 44.94
N GLU B 322 13.67 14.63 44.65
CA GLU B 322 13.36 13.50 45.52
C GLU B 322 14.45 12.42 45.45
N LYS B 323 14.76 11.89 46.61
CA LYS B 323 15.70 10.78 46.74
C LYS B 323 14.91 9.63 47.31
N ALA B 324 15.18 8.41 46.85
CA ALA B 324 14.37 7.30 47.33
C ALA B 324 15.20 6.03 47.39
N VAL B 325 14.93 5.22 48.40
CA VAL B 325 15.64 3.96 48.62
C VAL B 325 14.61 2.84 48.73
N PHE B 326 14.85 1.75 47.99
CA PHE B 326 13.94 0.62 47.91
C PHE B 326 14.70 -0.63 48.38
N PHE B 327 14.07 -1.41 49.23
CA PHE B 327 14.62 -2.72 49.55
C PHE B 327 13.53 -3.76 49.34
N GLY B 328 13.87 -4.83 48.62
CA GLY B 328 12.89 -5.84 48.33
C GLY B 328 13.48 -7.23 48.55
N ALA B 329 12.65 -8.14 49.04
CA ALA B 329 13.03 -9.55 49.25
C ALA B 329 11.92 -10.44 48.72
N MET B 330 12.28 -11.42 47.88
CA MET B 330 11.34 -12.41 47.38
C MET B 330 11.84 -13.81 47.77
N TYR B 331 11.07 -14.50 48.61
CA TYR B 331 11.47 -15.74 49.27
C TYR B 331 10.74 -16.91 48.63
N ASP B 332 11.49 -17.78 47.96
CA ASP B 332 10.97 -19.01 47.34
C ASP B 332 10.81 -20.08 48.44
N LEU B 333 9.62 -20.66 48.54
CA LEU B 333 9.26 -21.56 49.62
C LEU B 333 9.60 -23.01 49.28
N LYS B 334 10.40 -23.17 48.26
CA LYS B 334 10.86 -24.46 47.76
C LYS B 334 11.31 -25.43 48.82
N ASN B 335 12.06 -24.97 49.81
CA ASN B 335 12.64 -25.87 50.80
C ASN B 335 11.69 -26.21 51.94
N TRP B 336 10.56 -25.54 52.05
CA TRP B 336 9.40 -26.02 52.80
C TRP B 336 8.57 -26.97 51.98
N ASN B 337 9.08 -27.40 50.83
CA ASN B 337 8.37 -28.33 49.93
C ASN B 337 7.09 -27.70 49.41
N LEU B 338 7.16 -26.42 49.07
CA LEU B 338 6.08 -25.72 48.42
C LEU B 338 6.64 -25.11 47.14
N PRO B 339 7.24 -25.93 46.27
CA PRO B 339 7.81 -25.36 45.04
C PRO B 339 6.74 -24.59 44.28
N GLY B 340 7.14 -23.47 43.70
CA GLY B 340 6.20 -22.60 43.01
C GLY B 340 5.54 -21.57 43.88
N PHE B 341 5.63 -21.69 45.20
CA PHE B 341 5.13 -20.68 46.12
CA PHE B 341 5.13 -20.68 46.12
C PHE B 341 6.26 -19.72 46.47
N ALA B 342 5.98 -18.41 46.41
CA ALA B 342 6.92 -17.43 46.90
C ALA B 342 6.14 -16.33 47.61
N ILE B 343 6.76 -15.75 48.62
CA ILE B 343 6.22 -14.65 49.40
C ILE B 343 7.30 -13.58 49.47
N GLY B 344 6.85 -12.32 49.53
CA GLY B 344 7.79 -11.23 49.45
C GLY B 344 7.33 -9.99 50.17
N ALA B 345 8.29 -9.11 50.39
CA ALA B 345 8.02 -7.85 51.06
C ALA B 345 9.00 -6.83 50.51
N SER B 346 8.58 -5.56 50.51
CA SER B 346 9.47 -4.51 50.04
C SER B 346 9.09 -3.22 50.77
N TYR B 347 10.00 -2.26 50.74
CA TYR B 347 9.86 -1.04 51.51
C TYR B 347 10.50 0.08 50.74
N VAL B 348 9.81 1.24 50.68
CA VAL B 348 10.39 2.44 50.08
C VAL B 348 10.36 3.58 51.11
N TYR B 349 11.47 4.27 51.24
CA TYR B 349 11.51 5.57 51.91
C TYR B 349 12.10 6.60 50.96
N ALA B 350 11.39 7.73 50.79
CA ALA B 350 11.81 8.78 49.87
C ALA B 350 11.77 10.12 50.60
N TRP B 351 12.76 10.97 50.35
CA TRP B 351 12.79 12.27 51.01
C TRP B 351 13.25 13.34 50.03
N ASP B 352 13.13 14.58 50.46
CA ASP B 352 13.63 15.74 49.74
C ASP B 352 12.74 16.09 48.52
N ALA B 353 11.47 15.70 48.56
CA ALA B 353 10.60 15.89 47.42
C ALA B 353 10.11 17.33 47.39
N LYS B 354 10.46 18.06 46.36
CA LYS B 354 10.02 19.46 46.20
C LYS B 354 8.93 19.59 45.16
N PRO B 355 8.16 20.69 45.19
CA PRO B 355 7.15 20.93 44.17
C PRO B 355 7.75 21.60 42.93
N ALA B 356 6.87 21.86 41.98
CA ALA B 356 7.24 22.69 40.85
C ALA B 356 7.87 24.00 41.34
N THR B 357 8.82 24.50 40.59
CA THR B 357 9.52 25.70 41.05
C THR B 357 8.75 26.97 40.68
N TRP B 358 7.71 26.85 39.88
CA TRP B 358 6.78 27.96 39.68
C TRP B 358 5.45 27.37 39.24
N GLN B 359 4.39 28.14 39.51
CA GLN B 359 3.04 27.75 39.21
C GLN B 359 2.35 28.97 38.61
N SER B 360 1.45 28.72 37.66
CA SER B 360 0.65 29.78 37.06
C SER B 360 -0.53 30.14 37.94
N ASN B 361 -1.16 29.12 38.54
CA ASN B 361 -2.39 29.29 39.34
C ASN B 361 -2.22 28.56 40.67
N PRO B 362 -1.35 29.05 41.55
CA PRO B 362 -1.05 28.33 42.78
C PRO B 362 -2.30 28.02 43.59
N ASP B 363 -2.28 26.88 44.29
CA ASP B 363 -3.32 26.56 45.23
C ASP B 363 -2.89 26.98 46.62
N ALA B 364 -3.81 26.84 47.58
CA ALA B 364 -3.56 27.30 48.94
C ALA B 364 -2.33 26.68 49.55
N TYR B 365 -1.93 25.51 49.06
CA TYR B 365 -0.91 24.73 49.71
C TYR B 365 0.46 24.92 49.07
N TYR B 366 0.58 25.72 48.03
CA TYR B 366 1.83 25.80 47.29
C TYR B 366 2.86 26.62 48.07
N ASP B 367 4.01 26.01 48.34
CA ASP B 367 5.15 26.69 48.97
C ASP B 367 6.37 26.15 48.23
N LYS B 368 6.92 26.98 47.34
CA LYS B 368 8.01 26.55 46.48
C LYS B 368 9.19 25.97 47.24
N ASN B 369 9.34 26.30 48.51
CA ASN B 369 10.50 25.86 49.28
C ASN B 369 10.21 24.67 50.17
N ARG B 370 9.01 24.12 50.12
CA ARG B 370 8.68 22.95 50.92
C ARG B 370 9.46 21.74 50.44
N THR B 371 9.69 20.81 51.36
CA THR B 371 10.08 19.46 51.01
C THR B 371 9.19 18.50 51.77
N ILE B 372 8.94 17.34 51.18
CA ILE B 372 8.08 16.35 51.81
C ILE B 372 8.73 14.98 51.65
N GLU B 373 8.16 14.03 52.36
CA GLU B 373 8.66 12.67 52.42
C GLU B 373 7.54 11.73 52.00
N GLU B 374 7.95 10.55 51.50
CA GLU B 374 7.00 9.53 51.10
C GLU B 374 7.59 8.16 51.54
N SER B 375 6.72 7.23 51.88
CA SER B 375 7.20 5.87 52.16
C SER B 375 6.10 4.88 51.81
N ALA B 376 6.48 3.60 51.71
CA ALA B 376 5.51 2.58 51.38
C ALA B 376 6.13 1.22 51.73
N TYR B 377 5.26 0.25 51.96
CA TYR B 377 5.71 -1.14 52.06
C TYR B 377 4.68 -1.97 51.31
N SER B 378 5.14 -3.10 50.77
CA SER B 378 4.27 -4.01 50.03
CA SER B 378 4.27 -4.01 50.03
C SER B 378 4.50 -5.44 50.51
N LEU B 379 3.48 -6.26 50.37
CA LEU B 379 3.56 -7.70 50.60
C LEU B 379 3.11 -8.41 49.34
N ASP B 380 3.78 -9.53 49.01
CA ASP B 380 3.49 -10.27 47.80
C ASP B 380 3.39 -11.76 48.12
N ALA B 381 2.46 -12.44 47.47
CA ALA B 381 2.36 -13.90 47.48
C ALA B 381 2.09 -14.34 46.07
N VAL B 382 2.82 -15.34 45.61
CA VAL B 382 2.76 -15.83 44.23
C VAL B 382 2.70 -17.35 44.26
N TYR B 383 1.89 -17.93 43.38
CA TYR B 383 1.92 -19.37 43.16
C TYR B 383 1.83 -19.64 41.67
N THR B 384 2.72 -20.49 41.18
CA THR B 384 2.72 -20.93 39.81
C THR B 384 2.47 -22.44 39.80
N ILE B 385 1.44 -22.88 39.07
CA ILE B 385 1.18 -24.31 38.97
C ILE B 385 2.37 -24.99 38.30
N GLN B 386 2.83 -26.09 38.91
CA GLN B 386 4.10 -26.70 38.52
C GLN B 386 3.97 -27.77 37.45
N ASP B 387 2.85 -28.48 37.40
CA ASP B 387 2.74 -29.61 36.47
C ASP B 387 1.31 -29.72 35.98
N GLY B 388 1.13 -30.56 34.96
CA GLY B 388 -0.19 -30.93 34.51
C GLY B 388 -0.74 -29.99 33.46
N ARG B 389 -2.05 -30.06 33.29
CA ARG B 389 -2.75 -29.27 32.28
C ARG B 389 -2.42 -27.78 32.38
N ALA B 390 -2.43 -27.25 33.59
CA ALA B 390 -2.36 -25.81 33.82
C ALA B 390 -0.96 -25.32 34.14
N LYS B 391 0.07 -26.11 33.85
CA LYS B 391 1.41 -25.69 34.24
C LYS B 391 1.70 -24.29 33.70
N GLY B 392 2.30 -23.46 34.54
CA GLY B 392 2.62 -22.12 34.19
C GLY B 392 1.57 -21.09 34.57
N THR B 393 0.39 -21.53 35.00
CA THR B 393 -0.66 -20.62 35.47
C THR B 393 -0.23 -20.03 36.81
N MET B 394 -0.35 -18.71 36.93
CA MET B 394 0.15 -17.98 38.08
C MET B 394 -0.95 -17.22 38.77
N PHE B 395 -0.90 -17.25 40.09
CA PHE B 395 -1.80 -16.53 40.97
C PHE B 395 -0.94 -15.58 41.77
N LYS B 396 -1.30 -14.30 41.81
CA LYS B 396 -0.49 -13.38 42.57
C LYS B 396 -1.38 -12.48 43.40
N LEU B 397 -0.92 -12.13 44.57
CA LEU B 397 -1.60 -11.25 45.47
C LEU B 397 -0.61 -10.21 45.95
N HIS B 398 -1.02 -8.94 45.87
CA HIS B 398 -0.12 -7.84 46.15
C HIS B 398 -0.87 -6.84 47.01
N PHE B 399 -0.24 -6.45 48.10
CA PHE B 399 -0.78 -5.47 49.03
C PHE B 399 0.26 -4.36 49.18
N THR B 400 -0.20 -3.09 49.08
CA THR B 400 0.68 -1.96 49.32
C THR B 400 -0.03 -0.99 50.28
N GLU B 401 0.74 -0.46 51.21
CA GLU B 401 0.30 0.64 52.07
C GLU B 401 1.25 1.79 51.77
N TYR B 402 0.67 2.91 51.33
CA TYR B 402 1.44 4.06 50.87
C TYR B 402 1.10 5.24 51.78
N ASP B 403 2.13 5.99 52.14
CA ASP B 403 2.03 7.06 53.12
C ASP B 403 2.69 8.30 52.53
N ASN B 404 1.88 9.32 52.25
CA ASN B 404 2.33 10.69 51.95
C ASN B 404 2.56 11.41 53.27
N HIS B 405 3.81 11.82 53.53
CA HIS B 405 4.12 12.41 54.83
C HIS B 405 3.80 13.90 54.85
N SER B 406 2.78 14.31 54.12
CA SER B 406 2.31 15.68 54.05
C SER B 406 0.81 15.68 54.32
N ASP B 407 0.31 16.91 54.49
CA ASP B 407 -1.10 17.26 54.65
C ASP B 407 -1.74 17.66 53.34
N ILE B 408 -0.94 17.76 52.29
CA ILE B 408 -1.38 18.36 51.02
C ILE B 408 -2.38 17.43 50.33
N PRO B 409 -3.54 17.91 49.93
CA PRO B 409 -4.47 17.02 49.24
C PRO B 409 -3.91 16.53 47.92
N SER B 410 -4.51 15.46 47.39
CA SER B 410 -3.87 14.72 46.31
C SER B 410 -3.74 15.61 45.08
N TRP B 411 -2.54 15.65 44.51
CA TRP B 411 -2.21 16.31 43.25
C TRP B 411 -2.02 17.81 43.49
N GLY B 412 -2.05 18.27 44.73
CA GLY B 412 -2.03 19.68 45.04
C GLY B 412 -0.68 20.14 45.53
N GLY B 413 -0.61 21.44 45.83
CA GLY B 413 0.60 21.97 46.45
C GLY B 413 1.78 22.11 45.55
N GLY B 414 1.57 22.05 44.23
CA GLY B 414 2.69 22.04 43.32
C GLY B 414 3.34 20.66 43.13
N TYR B 415 2.78 19.61 43.72
CA TYR B 415 3.22 18.22 43.55
C TYR B 415 2.18 17.51 42.68
N GLY B 416 2.30 17.67 41.36
CA GLY B 416 1.23 17.26 40.48
C GLY B 416 1.15 15.79 40.20
N ASN B 417 2.14 15.02 40.66
CA ASN B 417 2.12 13.56 40.51
C ASN B 417 2.18 12.83 41.85
N ILE B 418 1.94 13.50 42.96
CA ILE B 418 1.91 12.88 44.29
C ILE B 418 0.47 12.88 44.75
N PHE B 419 0.02 11.76 45.28
CA PHE B 419 -1.34 11.61 45.79
C PHE B 419 -1.27 11.23 47.27
N GLN B 420 -2.43 11.13 47.89
CA GLN B 420 -2.44 10.99 49.34
C GLN B 420 -2.39 9.51 49.74
N ASP B 421 -2.19 9.28 51.05
CA ASP B 421 -2.11 7.94 51.64
C ASP B 421 -3.08 6.95 50.99
N GLU B 422 -2.60 5.71 50.76
CA GLU B 422 -3.39 4.70 50.07
C GLU B 422 -3.19 3.29 50.67
N ARG B 423 -4.23 2.46 50.55
CA ARG B 423 -4.12 1.02 50.68
C ARG B 423 -4.56 0.39 49.36
N ASP B 424 -3.75 -0.56 48.86
CA ASP B 424 -4.00 -1.13 47.55
C ASP B 424 -3.90 -2.64 47.66
N VAL B 425 -4.88 -3.37 47.14
CA VAL B 425 -4.77 -4.82 47.04
C VAL B 425 -5.13 -5.27 45.63
N LYS B 426 -4.24 -6.05 45.01
CA LYS B 426 -4.44 -6.61 43.68
C LYS B 426 -4.35 -8.12 43.75
N PHE B 427 -5.32 -8.81 43.15
CA PHE B 427 -5.27 -10.24 42.92
C PHE B 427 -5.31 -10.47 41.42
N MET B 428 -4.38 -11.26 40.90
CA MET B 428 -4.44 -11.57 39.48
C MET B 428 -4.15 -13.02 39.22
N VAL B 429 -4.73 -13.51 38.13
CA VAL B 429 -4.45 -14.83 37.60
C VAL B 429 -4.04 -14.68 36.14
N ILE B 430 -3.00 -15.42 35.76
CA ILE B 430 -2.42 -15.39 34.43
C ILE B 430 -2.32 -16.84 33.95
N ALA B 431 -3.06 -17.17 32.91
CA ALA B 431 -3.21 -18.52 32.37
C ALA B 431 -2.79 -18.55 30.91
N PRO B 432 -1.51 -18.77 30.63
CA PRO B 432 -1.05 -18.78 29.23
C PRO B 432 -1.38 -20.08 28.56
N PHE B 433 -1.53 -20.03 27.24
CA PHE B 433 -1.72 -21.26 26.48
C PHE B 433 -1.02 -21.14 25.13
N THR B 434 -0.74 -22.29 24.55
CA THR B 434 -0.21 -22.38 23.20
C THR B 434 -1.21 -23.15 22.35
N ILE B 435 -1.56 -22.61 21.19
CA ILE B 435 -2.35 -23.35 20.23
C ILE B 435 -1.46 -24.09 19.24
N PHE B 436 -0.35 -23.48 18.84
CA PHE B 436 0.67 -24.21 18.10
C PHE B 436 1.97 -23.42 18.06
C1 NAG C . 3.40 -5.01 34.47
C2 NAG C . 2.12 -4.72 35.27
C3 NAG C . 1.72 -3.25 35.12
C4 NAG C . 2.90 -2.33 35.40
C5 NAG C . 4.13 -2.76 34.63
C6 NAG C . 5.36 -1.96 35.03
C7 NAG C . 0.64 -6.67 35.52
C8 NAG C . -0.45 -7.48 34.91
N2 NAG C . 1.03 -5.59 34.83
O1 NAG C . 3.77 -6.33 34.65
O3 NAG C . 0.67 -2.98 36.05
O4 NAG C . 2.63 -0.99 35.00
O5 NAG C . 4.43 -4.14 34.89
O6 NAG C . 6.43 -2.12 34.10
O7 NAG C . 1.14 -6.97 36.60
H1 NAG C . 3.22 -4.86 33.52
H2 NAG C . 2.30 -4.88 36.21
H3 NAG C . 1.41 -3.09 34.20
H4 NAG C . 3.04 -2.37 36.37
H5 NAG C . 3.97 -2.65 33.68
H61 NAG C . 5.12 -1.01 35.07
H62 NAG C . 5.66 -2.26 35.90
H81 NAG C . -0.16 -7.82 34.04
H82 NAG C . -0.67 -8.23 35.49
H83 NAG C . -1.24 -6.93 34.78
HN2 NAG C . 0.61 -5.39 34.05
HO1 NAG C . 4.16 -6.64 33.91
HO3 NAG C . 0.28 -2.22 35.85
HO6 NAG C . 7.10 -1.59 34.34
C1 NAG C . 2.22 -0.06 36.02
C2 NAG C . 2.61 1.38 35.75
C3 NAG C . 1.86 2.35 36.67
C4 NAG C . 0.35 2.14 36.59
C5 NAG C . 0.06 0.69 36.94
C6 NAG C . -1.40 0.34 36.79
C7 NAG C . 4.94 1.47 34.92
C8 NAG C . 6.36 1.81 35.27
N2 NAG C . 4.05 1.60 35.90
O3 NAG C . 2.17 3.69 36.29
O4 NAG C . -0.31 2.99 37.51
O5 NAG C . 0.78 -0.19 36.06
O6 NAG C . -1.85 -0.47 37.87
O7 NAG C . 4.64 1.06 33.81
H1 NAG C . 2.67 -0.24 36.87
H2 NAG C . 2.36 1.57 34.82
H3 NAG C . 2.15 2.19 37.58
H4 NAG C . 0.03 2.35 35.69
H5 NAG C . 0.35 0.52 37.87
H61 NAG C . -1.92 1.16 36.77
H62 NAG C . -1.52 -0.15 35.96
H81 NAG C . 6.91 1.73 34.47
H82 NAG C . 6.68 1.18 35.95
H83 NAG C . 6.40 2.72 35.62
HN2 NAG C . 4.35 1.83 36.73
HO3 NAG C . 2.54 4.11 36.97
HO6 NAG C . -1.22 -1.05 38.09
C1 NAG C . -0.68 4.28 36.99
C2 NAG C . -1.88 4.92 37.62
C3 NAG C . -2.05 6.38 37.17
C4 NAG C . -0.75 7.16 37.26
C5 NAG C . 0.36 6.36 36.58
C6 NAG C . 1.71 7.04 36.62
C7 NAG C . -3.60 3.13 37.94
C8 NAG C . -2.74 2.58 39.03
N2 NAG C . -3.11 4.20 37.29
O3 NAG C . -3.07 6.99 37.96
O4 NAG C . -0.80 8.34 36.47
O5 NAG C . 0.48 5.09 37.22
O6 NAG C . 2.76 6.12 36.46
O7 NAG C . -4.67 2.62 37.61
H1 NAG C . -0.96 4.21 36.06
H2 NAG C . -1.74 4.89 38.59
H3 NAG C . -2.31 6.39 36.24
H4 NAG C . -0.58 7.34 38.20
H5 NAG C . 0.15 6.21 35.64
H61 NAG C . 1.81 7.49 37.49
H62 NAG C . 1.75 7.71 35.91
H81 NAG C . -1.96 2.15 38.64
H82 NAG C . -3.26 1.91 39.53
H83 NAG C . -2.47 3.30 39.62
HN2 NAG C . -3.58 4.50 36.58
HO3 NAG C . -3.60 7.47 37.44
HO6 NAG C . 3.03 6.10 35.61
C1 NAG C . -1.62 9.37 36.99
C2 NAG C . -1.38 10.64 36.14
C3 NAG C . -2.29 11.75 36.64
C4 NAG C . -3.73 11.29 36.62
C5 NAG C . -3.91 9.98 37.38
C6 NAG C . -5.31 9.41 37.23
C7 NAG C . 0.89 10.89 35.19
C8 NAG C . 2.29 11.34 35.45
N2 NAG C . 0.02 11.04 36.21
O3 NAG C . -2.12 12.89 35.80
O4 NAG C . -4.60 12.17 37.32
O5 NAG C . -2.99 9.00 36.89
O6 NAG C . -5.32 8.00 37.37
O7 NAG C . 0.54 10.41 34.11
H1 NAG C . -1.40 9.57 37.91
H2 NAG C . -1.60 10.45 35.22
H4 NAG C . -3.96 11.23 35.67
H5 NAG C . -3.73 10.13 38.32
H61 NAG C . -5.89 9.81 37.90
H62 NAG C . -5.65 9.64 36.34
H81 NAG C . 2.83 11.22 34.63
H82 NAG C . 2.68 10.81 36.17
H83 NAG C . 2.29 12.28 35.70
HN2 NAG C . 0.33 11.41 36.98
HO3 NAG C . -1.35 12.83 35.36
HO6 NAG C . -5.48 7.62 36.59
C1 NAG C . -5.38 12.78 36.31
C2 NAG C . -6.63 13.53 36.94
C3 NAG C . -7.17 14.63 36.01
C4 NAG C . -6.03 15.39 35.34
C5 NAG C . -5.12 14.30 34.75
C6 NAG C . -4.04 14.72 33.78
C7 NAG C . -8.89 12.64 37.52
C8 NAG C . -9.63 11.39 37.87
N2 NAG C . -7.60 12.49 37.25
O3 NAG C . -8.01 15.54 36.72
O4 NAG C . -6.47 16.28 34.32
O5 NAG C . -4.51 13.69 35.85
O6 NAG C . -2.76 14.34 34.25
O7 NAG C . -9.45 13.73 37.48
H2 NAG C . -6.38 14.03 37.75
H3 NAG C . -7.72 14.18 35.33
H4 NAG C . -5.55 15.96 35.97
H5 NAG C . -5.67 13.69 34.21
H61 NAG C . -4.06 15.68 33.66
H62 NAG C . -4.21 14.29 32.92
H81 NAG C . -10.52 11.61 38.20
H82 NAG C . -9.14 10.90 38.56
H83 NAG C . -9.71 10.83 37.07
HN2 NAG C . -7.28 11.64 37.24
HO3 NAG C . -8.86 15.31 36.62
HO4 NAG C . -5.84 16.89 34.16
HO6 NAG C . -2.64 14.66 35.07
C1 NAG D . -8.77 -6.66 -30.87
C2 NAG D . -10.11 -6.38 -30.15
C3 NAG D . -10.45 -4.90 -30.11
C4 NAG D . -9.23 -4.02 -29.89
C5 NAG D . -8.04 -4.50 -30.71
C6 NAG D . -6.78 -3.71 -30.49
C7 NAG D . -11.58 -8.31 -30.54
C8 NAG D . -12.58 -8.94 -31.46
N2 NAG D . -11.14 -7.10 -30.88
O1 NAG D . -8.47 -8.01 -30.76
O3 NAG D . -11.40 -4.67 -29.06
O4 NAG D . -9.52 -2.70 -30.35
O5 NAG D . -7.78 -5.85 -30.35
O6 NAG D . -5.70 -4.23 -31.27
O7 NAG D . -11.21 -8.88 -29.53
H2 NAG D . -10.05 -6.67 -29.22
H3 NAG D . -10.83 -4.64 -30.97
H4 NAG D . -9.00 -4.03 -28.94
H5 NAG D . -8.25 -4.42 -31.66
H61 NAG D . -6.54 -3.75 -29.54
H62 NAG D . -6.93 -2.78 -30.74
H81 NAG D . -12.13 -9.21 -32.29
HO3 NAG D . -11.82 -3.89 -29.19
HO6 NAG D . -5.87 -5.07 -31.49
C1 NAG D . -10.05 -1.89 -29.32
C2 NAG D . -9.47 -0.51 -29.63
C3 NAG D . -10.02 0.51 -28.68
C4 NAG D . -11.55 0.48 -28.76
C5 NAG D . -12.07 -0.94 -28.54
C6 NAG D . -13.54 -1.12 -28.85
C7 NAG D . -7.03 0.16 -29.92
C8 NAG D . -7.37 1.61 -30.04
N2 NAG D . -8.02 -0.68 -29.61
O3 NAG D . -9.65 1.84 -29.01
O4 NAG D . -12.19 1.32 -27.81
O5 NAG D . -11.40 -1.87 -29.41
O6 NAG D . -14.15 -2.02 -27.93
O7 NAG D . -5.86 -0.23 -29.98
H2 NAG D . -9.74 -0.16 -30.50
H3 NAG D . -9.65 0.30 -27.80
H4 NAG D . -11.77 0.81 -29.65
H5 NAG D . -11.89 -1.18 -27.61
H61 NAG D . -13.64 -1.46 -29.76
H62 NAG D . -13.98 -0.25 -28.78
H81 NAG D . -6.59 2.11 -30.37
H82 NAG D . -7.62 1.96 -29.17
H83 NAG D . -8.11 1.72 -30.67
HN2 NAG D . -7.74 -1.50 -29.32
HO3 NAG D . -9.83 2.38 -28.32
HO6 NAG D . -14.86 -2.40 -28.32
C1 NAG D . -12.69 2.51 -28.37
C2 NAG D . -13.84 3.13 -27.65
C3 NAG D . -14.04 4.61 -28.09
C4 NAG D . -12.78 5.43 -28.09
C5 NAG D . -11.68 4.72 -28.85
C6 NAG D . -10.35 5.45 -28.68
C7 NAG D . -15.77 1.43 -27.31
C8 NAG D . -14.93 0.43 -26.57
N2 NAG D . -15.14 2.49 -27.88
O3 NAG D . -15.06 5.21 -27.29
O4 NAG D . -13.02 6.61 -28.87
O5 NAG D . -11.52 3.40 -28.35
O6 NAG D . -9.24 4.59 -28.93
O7 NAG D . -16.96 1.23 -27.55
H2 NAG D . -13.59 3.04 -26.72
H3 NAG D . -14.34 4.59 -29.02
H4 NAG D . -12.53 5.62 -27.16
H5 NAG D . -11.89 4.66 -29.80
H61 NAG D . -10.29 5.79 -27.78
H62 NAG D . -10.32 6.20 -29.31
H81 NAG D . -15.26 0.34 -25.66
H82 NAG D . -14.00 0.74 -26.55
H83 NAG D . -14.98 -0.43 -27.03
HN2 NAG D . -15.63 2.88 -28.53
HO3 NAG D . -15.70 5.54 -27.81
HO6 NAG D . -8.50 4.97 -28.60
C1 NAG D . -13.97 7.57 -28.39
C2 NAG D . -13.63 8.81 -29.19
C3 NAG D . -14.54 9.96 -28.76
C4 NAG D . -15.98 9.55 -28.96
C5 NAG D . -16.28 8.21 -28.27
C6 NAG D . -17.62 7.64 -28.64
C7 NAG D . -11.36 9.11 -30.08
C8 NAG D . -9.94 9.46 -29.76
N2 NAG D . -12.23 9.16 -29.05
O3 NAG D . -14.20 11.10 -29.53
O4 NAG D . -16.91 10.45 -28.35
O5 NAG D . -15.30 7.21 -28.62
O6 NAG D . -17.79 6.34 -28.07
O7 NAG D . -11.71 8.80 -31.22
H2 NAG D . -13.81 8.64 -30.13
H3 NAG D . -14.41 10.18 -27.81
H4 NAG D . -16.12 9.52 -29.93
H5 NAG D . -16.21 8.35 -27.31
H61 NAG D . -17.70 7.58 -29.60
H62 NAG D . -18.33 8.23 -28.30
H81 NAG D . -9.41 9.48 -30.57
H82 NAG D . -9.57 8.81 -29.14
H83 NAG D . -9.91 10.35 -29.34
HN2 NAG D . -11.91 9.42 -28.24
HO3 NAG D . -14.95 11.55 -29.73
HO6 NAG D . -18.44 5.92 -28.50
C1 NAG D . -17.59 11.33 -29.23
C2 NAG D . -18.93 11.88 -28.63
C3 NAG D . -19.49 12.95 -29.55
C4 NAG D . -18.43 14.01 -29.86
C5 NAG D . -17.12 13.40 -30.34
C6 NAG D . -16.00 14.42 -30.36
C7 NAG D . -21.09 10.77 -27.90
C8 NAG D . -21.69 12.08 -27.53
N2 NAG D . -19.86 10.77 -28.46
O3 NAG D . -20.54 13.72 -28.95
O4 NAG D . -18.91 14.91 -30.85
O5 NAG D . -16.69 12.37 -29.45
O6 NAG D . -16.50 15.75 -30.35
O7 NAG D . -21.71 9.72 -27.76
H2 NAG D . -18.77 12.32 -27.78
H3 NAG D . -19.83 12.47 -30.32
H4 NAG D . -18.24 14.48 -29.02
H5 NAG D . -17.26 13.02 -31.23
H61 NAG D . -15.46 14.29 -31.16
H62 NAG D . -15.44 14.29 -29.58
H81 NAG D . -22.45 11.95 -26.94
H82 NAG D . -21.98 12.55 -28.34
H83 NAG D . -21.01 12.63 -27.06
HN2 NAG D . -19.56 9.96 -28.75
HO3 NAG D . -20.57 14.52 -29.32
HO4 NAG D . -18.54 15.71 -30.73
HO6 NAG D . -15.82 16.32 -30.34
C1 DMU E . -26.30 -8.57 -51.54
C2 DMU E . -26.20 -7.45 -50.58
C3 DMU E . -27.22 -7.52 -49.52
C4 DMU E . -27.29 -8.90 -48.84
O5 DMU E . -27.35 -9.99 -49.86
C6 DMU E . -26.22 -9.92 -50.80
O7 DMU E . -26.79 -6.56 -48.53
O16 DMU E . -26.25 -10.97 -51.67
O49 DMU E . -25.22 -8.52 -52.48
O55 DMU E . -26.36 -6.18 -51.29
C57 DMU E . -28.47 -9.01 -47.96
O61 DMU E . -29.64 -8.57 -48.61
C5 DMU E . -26.57 -4.29 -48.15
C7 DMU E . -25.91 -4.53 -46.84
C8 DMU E . -26.91 -4.72 -45.77
C9 DMU E . -27.92 -5.89 -46.07
O1 DMU E . -28.54 -5.56 -47.41
C10 DMU E . -27.56 -5.39 -48.46
O2 DMU E . -26.28 -4.96 -44.52
O3 DMU E . -25.54 -4.25 -49.18
O4 DMU E . -25.00 -3.36 -46.57
C11 DMU E . -28.90 -5.95 -45.06
O6 DMU E . -29.61 -4.75 -45.05
H1 DMU E . -27.13 -8.50 -52.05
H2 DMU E . -25.31 -7.49 -50.19
H3 DMU E . -28.09 -7.33 -49.88
H4 DMU E . -26.51 -8.99 -48.28
H5 DMU E . -25.38 -9.99 -50.33
H27 DMU E . -25.52 -8.35 -53.25
H28 DMU E . -25.65 -6.00 -51.72
H29 DMU E . -28.59 -9.94 -47.70
H30 DMU E . -28.33 -8.47 -47.17
H31 DMU E . -30.32 -8.92 -48.25
H32 DMU E . -27.05 -3.45 -48.15
H33 DMU E . -25.34 -5.31 -46.88
H34 DMU E . -27.38 -3.89 -45.69
H35 DMU E . -27.45 -6.74 -46.10
H36 DMU E . -28.02 -5.19 -49.29
H37 DMU E . -26.47 -4.33 -43.98
H38 DMU E . -25.31 -3.44 -49.31
H39 DMU E . -24.33 -3.63 -46.13
H40 DMU E . -29.49 -6.69 -45.23
H41 DMU E . -28.46 -6.08 -44.20
H42 DMU E . -30.41 -4.90 -44.84
C1 DMU F . -20.29 -3.62 -49.27
C2 DMU F . -20.28 -2.14 -49.29
C3 DMU F . -20.78 -1.71 -50.62
C4 DMU F . -22.15 -2.35 -50.91
O5 DMU F . -22.13 -3.84 -50.86
C6 DMU F . -21.65 -4.28 -49.58
O7 DMU F . -20.92 -0.25 -50.62
O16 DMU F . -21.52 -5.66 -49.59
C18 DMU F . -22.75 -6.38 -49.40
C19 DMU F . -22.47 -7.88 -49.11
C22 DMU F . -21.68 -8.55 -50.29
C25 DMU F . -21.36 -10.02 -49.95
C28 DMU F . -20.70 -10.69 -51.22
C31 DMU F . -20.21 -12.13 -50.93
O49 DMU F . -20.00 -4.07 -47.97
O55 DMU F . -18.93 -1.63 -48.99
C57 DMU F . -22.68 -1.97 -52.24
O61 DMU F . -21.73 -2.25 -53.26
C5 DMU F . -19.28 1.48 -50.77
C7 DMU F . -20.19 2.54 -50.38
C8 DMU F . -20.99 2.98 -51.53
C9 DMU F . -21.71 1.85 -52.30
O1 DMU F . -20.65 0.81 -52.67
C10 DMU F . -19.96 0.35 -51.48
O2 DMU F . -21.96 3.93 -51.03
O3 DMU F . -18.69 0.92 -49.58
O4 DMU F . -19.40 3.70 -49.87
C11 DMU F . -22.31 2.35 -53.50
O6 DMU F . -23.22 1.41 -54.02
H1 DMU F . -19.63 -3.89 -49.93
H2 DMU F . -20.83 -1.75 -48.59
H3 DMU F . -20.14 -1.96 -51.31
H4 DMU F . -22.75 -2.00 -50.23
H5 DMU F . -22.30 -4.06 -48.88
H6 DMU F . -23.24 -5.99 -48.65
H7 DMU F . -23.30 -6.30 -50.20
H8 DMU F . -21.94 -7.95 -48.29
H9 DMU F . -23.31 -8.35 -48.98
H10 DMU F . -22.22 -8.52 -51.09
H11 DMU F . -20.85 -8.07 -50.43
H12 DMU F . -20.74 -10.06 -49.20
H13 DMU F . -22.17 -10.49 -49.72
H14 DMU F . -21.35 -10.70 -51.94
H15 DMU F . -19.93 -10.14 -51.49
H16 DMU F . -19.45 -12.12 -50.33
H17 DMU F . -20.92 -12.65 -50.54
H27 DMU F . -19.17 -4.22 -47.90
H28 DMU F . -18.98 -0.85 -48.66
H29 DMU F . -23.49 -2.47 -52.42
H30 DMU F . -22.87 -1.02 -52.24
H31 DMU F . -22.13 -2.61 -53.92
H32 DMU F . -18.61 1.88 -51.35
H33 DMU F . -20.76 2.21 -49.66
H34 DMU F . -20.40 3.41 -52.17
H35 DMU F . -22.40 1.46 -51.75
H36 DMU F . -19.31 -0.32 -51.71
H37 DMU F . -21.73 4.71 -51.26
H38 DMU F . -18.00 1.37 -49.37
H39 DMU F . -19.44 3.71 -49.02
H40 DMU F . -22.79 3.17 -53.30
H41 DMU F . -21.62 2.52 -54.16
H42 DMU F . -23.65 1.76 -54.67
C1 DMU G . 12.73 13.14 -29.19
C2 DMU G . 11.93 14.39 -29.01
C3 DMU G . 11.54 15.08 -30.24
C4 DMU G . 11.01 14.09 -31.31
O5 DMU G . 12.01 13.02 -31.56
C6 DMU G . 12.22 12.24 -30.33
O7 DMU G . 10.43 16.01 -29.99
O16 DMU G . 13.14 11.23 -30.60
C18 DMU G . 12.59 10.01 -31.13
C19 DMU G . 13.58 9.39 -32.17
C22 DMU G . 13.25 7.86 -32.42
C25 DMU G . 14.39 7.22 -33.23
C28 DMU G . 14.47 5.68 -32.95
O49 DMU G . 12.68 12.39 -27.97
O55 DMU G . 12.77 15.29 -28.18
C57 DMU G . 10.65 14.79 -32.56
O61 DMU G . 11.79 15.13 -33.30
C5 DMU G . 9.67 18.11 -29.21
C7 DMU G . 8.75 18.46 -30.27
C8 DMU G . 9.43 19.27 -31.31
C9 DMU G . 10.60 18.44 -31.93
O1 DMU G . 11.53 17.94 -30.81
C10 DMU G . 10.87 17.31 -29.68
O2 DMU G . 8.51 19.67 -32.32
O3 DMU G . 8.98 17.29 -28.20
O4 DMU G . 7.60 19.23 -29.68
C11 DMU G . 11.37 19.22 -32.81
O6 DMU G . 11.79 18.42 -33.87
H1 DMU G . 13.64 13.40 -29.41
H2 DMU G . 11.10 14.17 -28.57
H3 DMU G . 12.31 15.56 -30.56
H4 DMU G . 10.18 13.69 -31.00
H5 DMU G . 11.39 11.81 -30.07
H6 DMU G . 12.45 9.39 -30.40
H7 DMU G . 11.74 10.20 -31.56
H8 DMU G . 14.48 9.47 -31.84
H9 DMU G . 13.49 9.87 -33.00
H10 DMU G . 13.17 7.40 -31.57
H11 DMU G . 12.42 7.79 -32.91
H12 DMU G . 14.22 7.36 -34.17
H13 DMU G . 15.23 7.63 -32.98
H14 DMU G . 14.66 5.52 -32.01
H15 DMU G . 13.61 5.26 -33.18
H27 DMU G . 13.46 12.38 -27.62
H28 DMU G . 12.66 15.12 -27.36
H29 DMU G . 10.15 15.60 -32.34
H30 DMU G . 10.08 14.22 -33.10
H31 DMU G . 11.65 14.97 -34.13
H32 DMU G . 9.98 18.94 -28.81
H33 DMU G . 8.37 17.66 -30.68
H34 DMU G . 9.77 20.09 -30.91
H35 DMU G . 10.19 17.69 -32.39
H36 DMU G . 11.53 17.25 -28.96
H37 DMU G . 8.29 20.49 -32.19
H38 DMU G . 9.14 17.61 -27.43
H39 DMU G . 6.86 18.86 -29.91
H40 DMU G . 10.84 19.96 -33.15
H41 DMU G . 12.15 19.57 -32.35
H42 DMU G . 12.27 18.88 -34.41
C1 C8E H . 0.62 0.66 -54.77
C2 C8E H . -0.03 2.03 -54.66
C3 C8E H . -0.04 2.80 -55.97
C4 C8E H . -1.39 3.51 -56.20
C5 C8E H . -1.19 4.98 -56.54
C6 C8E H . -2.52 5.68 -56.86
H41 C8E H . -1.99 3.42 -55.29
H42 C8E H . -1.92 3.03 -57.01
H51 C8E H . -0.53 5.07 -57.39
H52 C8E H . -0.72 5.49 -55.69
C1 C8E I . 23.39 -7.24 -48.71
C2 C8E I . 23.14 -6.02 -47.82
C3 C8E I . 22.09 -5.10 -48.42
C4 C8E I . 21.30 -4.38 -47.33
C5 C8E I . 20.93 -2.94 -47.70
C6 C8E I . 19.44 -2.67 -47.50
C7 C8E I . 19.14 -1.20 -47.18
C8 C8E I . 18.95 -0.98 -45.68
H41 C8E I . 21.89 -4.37 -46.41
H42 C8E I . 20.39 -4.94 -47.13
H51 C8E I . 21.19 -2.77 -48.75
H52 C8E I . 21.51 -2.25 -47.10
H61 C8E I . 19.07 -3.28 -46.68
H62 C8E I . 18.90 -2.94 -48.40
H71 C8E I . 18.23 -0.90 -47.70
H72 C8E I . 19.96 -0.58 -47.53
C3 C8E J . 5.04 -12.58 -50.42
C4 C8E J . 3.73 -12.38 -51.15
C5 C8E J . 2.75 -11.48 -50.40
C6 C8E J . 3.37 -10.82 -49.19
C7 C8E J . 2.36 -9.95 -48.44
H41 C8E J . 3.26 -13.35 -51.31
H42 C8E J . 3.94 -11.94 -52.14
H51 C8E J . 1.90 -12.07 -50.08
H52 C8E J . 2.39 -10.71 -51.08
H61 C8E J . 4.22 -10.20 -49.49
H62 C8E J . 3.76 -11.58 -48.51
C14 C8E K . -10.42 4.49 -32.06
O15 C8E K . -11.58 4.01 -32.72
C16 C8E K . -12.17 2.86 -32.14
C17 C8E K . -11.17 1.71 -32.04
O18 C8E K . -11.88 0.49 -32.17
C19 C8E K . -11.22 -0.52 -32.92
H161 C8E K . -13.02 2.54 -32.76
H162 C8E K . -12.54 3.10 -31.15
H171 C8E K . -10.67 1.73 -31.08
H172 C8E K . -10.41 1.79 -32.82
C2 C8E L . 7.04 -16.09 -11.14
C3 C8E L . 5.69 -15.44 -10.84
C4 C8E L . 5.61 -14.03 -11.41
C5 C8E L . 4.28 -13.34 -11.09
C6 C8E L . 4.42 -11.82 -11.10
H41 C8E L . 5.73 -14.08 -12.49
H42 C8E L . 6.43 -13.43 -11.02
H51 C8E L . 3.94 -13.67 -10.11
H52 C8E L . 3.53 -13.66 -11.82
C3 C8E M . 1.32 -16.06 -11.37
C4 C8E M . -0.13 -15.56 -11.48
C5 C8E M . -0.21 -14.04 -11.49
C6 C8E M . -1.39 -13.52 -12.31
C7 C8E M . -2.71 -14.22 -11.98
H41 C8E M . -0.71 -15.95 -10.65
H42 C8E M . -0.56 -15.94 -12.40
H51 C8E M . 0.72 -13.64 -11.89
H52 C8E M . -0.31 -13.69 -10.45
H61 C8E M . -1.17 -13.68 -13.37
H62 C8E M . -1.50 -12.45 -12.14
C8 C8E N . -20.74 3.43 -28.01
O9 C8E N . -19.64 4.14 -27.50
C10 C8E N . -19.96 4.62 -26.21
C11 C8E N . -18.89 5.58 -25.72
O12 C8E N . -18.99 5.67 -24.32
H101 C8E N . -20.05 3.79 -25.51
H102 C8E N . -20.92 5.15 -26.24
H111 C8E N . -19.01 6.56 -26.17
H112 C8E N . -17.90 5.20 -25.99
C1 C8E O . 8.16 5.30 -20.95
C2 C8E O . 9.58 5.63 -21.39
C3 C8E O . 9.72 5.63 -22.90
C4 C8E O . 10.98 6.38 -23.31
C5 C8E O . 10.67 7.67 -24.04
H41 C8E O . 11.60 5.74 -23.94
H42 C8E O . 11.57 6.62 -22.41
C1 C8E P . 13.44 -6.56 -58.94
C2 C8E P . 12.74 -5.22 -58.84
C3 C8E P . 12.57 -4.83 -57.37
C4 C8E P . 12.38 -3.33 -57.15
C5 C8E P . 11.24 -3.03 -56.18
H41 C8E P . 12.16 -2.85 -58.11
H42 C8E P . 13.30 -2.90 -56.77
MG MG Q . -12.68 8.22 -9.98
MG MG R . -11.19 5.78 -34.58
C1 DMU S . -14.28 -6.73 13.84
C2 DMU S . -14.08 -5.63 14.84
C3 DMU S . -15.11 -5.64 15.89
C4 DMU S . -15.28 -7.03 16.53
O5 DMU S . -15.40 -8.09 15.50
C6 DMU S . -14.26 -8.08 14.57
O7 DMU S . -14.66 -4.73 16.93
O16 DMU S . -14.32 -9.16 13.71
C18 DMU S . -13.82 -10.39 14.27
O49 DMU S . -13.24 -6.73 12.87
O55 DMU S . -14.08 -4.34 14.14
C57 DMU S . -16.44 -7.08 17.44
O61 DMU S . -17.57 -6.52 16.78
C5 DMU S . -14.37 -2.44 17.35
C7 DMU S . -13.74 -2.64 18.67
C8 DMU S . -14.76 -2.79 19.72
C9 DMU S . -15.79 -3.95 19.41
O1 DMU S . -16.37 -3.66 18.03
C10 DMU S . -15.37 -3.51 17.00
O2 DMU S . -14.25 -3.06 21.04
O3 DMU S . -13.39 -2.44 16.23
O4 DMU S . -12.89 -1.43 18.95
C11 DMU S . -16.82 -3.99 20.35
O6 DMU S . -17.47 -2.75 20.36
H1 DMU S . -15.11 -6.59 13.36
H2 DMU S . -13.21 -5.75 15.26
H3 DMU S . -15.96 -5.35 15.51
H4 DMU S . -14.49 -7.18 17.09
H5 DMU S . -13.42 -8.21 15.04
H6 DMU S . -12.84 -10.38 14.25
H7 DMU S . -14.13 -10.48 15.18
H27 DMU S . -12.53 -7.05 13.21
H28 DMU S . -13.30 -4.20 13.81
H29 DMU S . -16.64 -8.00 17.66
H30 DMU S . -16.26 -6.59 18.24
H31 DMU S . -18.28 -6.89 17.06
H32 DMU S . -14.76 -1.56 17.40
H33 DMU S . -13.16 -3.43 18.67
H34 DMU S . -15.17 -1.91 19.76
H35 DMU S . -15.32 -4.79 19.41
H36 DMU S . -15.80 -3.32 16.16
H37 DMU S . -13.56 -2.60 21.17
H38 DMU S . -13.26 -1.64 15.98
H39 DMU S . -12.08 -1.66 18.98
H40 DMU S . -17.45 -4.68 20.12
H41 DMU S . -16.46 -4.16 21.23
H42 DMU S . -18.19 -2.81 20.82
C1 DMU T . -8.24 -1.73 16.25
C2 DMU T . -8.24 -0.24 16.19
C3 DMU T . -8.71 0.17 14.84
C4 DMU T . -10.10 -0.46 14.59
O5 DMU T . -10.03 -1.94 14.62
C6 DMU T . -9.59 -2.40 15.92
O7 DMU T . -8.86 1.60 14.76
O16 DMU T . -9.47 -3.77 15.91
C18 DMU T . -10.71 -4.47 16.01
C19 DMU T . -10.42 -5.95 16.35
C22 DMU T . -9.69 -6.66 15.15
C25 DMU T . -9.39 -8.14 15.47
C28 DMU T . -8.68 -8.70 14.20
C31 DMU T . -8.43 -10.23 14.26
O49 DMU T . -7.98 -2.17 17.56
O55 DMU T . -6.86 0.23 16.52
C57 DMU T . -10.66 -0.06 13.28
O61 DMU T . -9.79 -0.44 12.23
C5 DMU T . -7.24 3.30 14.53
C7 DMU T . -8.15 4.32 15.00
C8 DMU T . -8.90 4.87 13.86
C9 DMU T . -9.67 3.74 13.10
O1 DMU T . -8.67 2.65 12.67
C10 DMU T . -7.95 2.17 13.82
O2 DMU T . -9.85 5.85 14.30
O3 DMU T . -6.59 2.74 15.70
O4 DMU T . -7.38 5.44 15.60
C11 DMU T . -10.29 4.31 11.97
O6 DMU T . -11.29 3.47 11.48
H1 DMU T . -7.55 -1.99 15.61
H2 DMU T . -8.81 0.19 16.85
H3 DMU T . -8.06 -0.11 14.19
H4 DMU T . -10.70 -0.12 15.27
H5 DMU T . -10.25 -2.19 16.60
H6 DMU T . -11.26 -4.07 16.70
H7 DMU T . -11.18 -4.42 15.16
H8 DMU T . -11.26 -6.42 16.53
H9 DMU T . -9.86 -5.99 17.13
H10 DMU T . -10.26 -6.62 14.37
H11 DMU T . -8.86 -6.20 14.97
H12 DMU T . -10.21 -8.63 15.65
H13 DMU T . -8.81 -8.21 16.25
H14 DMU T . -7.82 -8.24 14.10
H15 DMU T . -9.23 -8.51 13.42
H16 DMU T . -7.99 -10.46 15.11
H17 DMU T . -9.27 -10.70 14.21
H27 DMU T . -7.14 -2.32 17.64
H28 DMU T . -6.91 1.00 16.86
H29 DMU T . -11.51 -0.48 13.16
H30 DMU T . -10.77 0.91 13.27
H31 DMU T . -10.25 -0.64 11.55
H32 DMU T . -6.59 3.70 13.93
H33 DMU T . -8.75 3.95 15.66
H34 DMU T . -8.28 5.31 13.26
H35 DMU T . -10.31 3.33 13.70
H36 DMU T . -7.32 1.49 13.53
H37 DMU T . -9.50 6.63 14.24
H38 DMU T . -6.00 3.29 15.99
H39 DMU T . -7.89 5.89 16.12
H40 DMU T . -10.68 5.16 12.20
H41 DMU T . -9.63 4.45 11.27
H42 DMU T . -11.71 3.85 10.85
C1 DMU U . 25.05 15.05 36.05
C2 DMU U . 24.24 16.29 36.26
C3 DMU U . 23.91 17.00 35.03
C4 DMU U . 23.45 16.06 33.89
O5 DMU U . 24.39 14.94 33.69
C6 DMU U . 24.51 14.15 34.92
O7 DMU U . 22.80 17.93 35.23
O16 DMU U . 25.37 13.09 34.71
C18 DMU U . 24.88 12.12 33.77
C19 DMU U . 26.03 11.14 33.37
C22 DMU U . 25.47 10.02 32.41
C25 DMU U . 26.42 8.81 32.39
O49 DMU U . 25.05 14.29 37.27
O55 DMU U . 25.02 17.18 37.15
C57 DMU U . 23.30 16.87 32.66
O61 DMU U . 22.83 16.08 31.59
C5 DMU U . 22.01 20.07 35.79
C7 DMU U . 20.97 20.37 34.82
C8 DMU U . 21.54 21.14 33.68
C9 DMU U . 22.50 20.16 32.93
O1 DMU U . 23.61 19.77 33.92
C10 DMU U . 23.18 19.30 35.24
O2 DMU U . 20.51 21.60 32.82
O3 DMU U . 21.42 19.23 36.85
O4 DMU U . 19.86 21.12 35.46
C11 DMU U . 23.09 20.68 31.76
O6 DMU U . 23.03 19.68 30.78
H1 DMU U . 25.96 15.33 35.84
H2 DMU U . 23.39 16.04 36.67
H3 DMU U . 24.71 17.49 34.78
H4 DMU U . 22.60 15.66 34.11
H5 DMU U . 23.66 13.80 35.19
H6 DMU U . 24.16 11.62 34.18
H7 DMU U . 24.55 12.58 32.98
H8 DMU U . 26.72 11.64 32.92
H9 DMU U . 26.38 10.72 34.17
H10 DMU U . 24.59 9.74 32.71
H11 DMU U . 25.40 10.38 31.51
H12 DMU U . 27.31 9.09 32.14
H13 DMU U . 26.43 8.40 33.26
H27 DMU U . 25.85 14.12 37.50
H28 DMU U . 24.93 16.94 37.96
H29 DMU U . 24.15 17.24 32.42
H30 DMU U . 22.66 17.59 32.82
H31 DMU U . 22.01 16.25 31.45
H32 DMU U . 22.32 20.91 36.16
H33 DMU U . 20.58 19.55 34.47
H34 DMU U . 22.00 21.95 33.96
H35 DMU U . 21.97 19.39 32.65
H36 DMU U . 23.96 19.42 35.80
H37 DMU U . 20.35 22.41 32.98
H38 DMU U . 21.40 19.69 37.58
H39 DMU U . 19.67 21.79 34.99
H40 DMU U . 24.01 20.93 31.93
H41 DMU U . 22.58 21.45 31.46
H42 DMU U . 22.24 19.63 30.46
C1 C8E V . -14.48 -12.70 22.40
C2 C8E V . -15.44 -11.53 22.17
C3 C8E V . -15.69 -10.72 23.45
C4 C8E V . -15.53 -9.24 23.14
C5 C8E V . -16.59 -8.33 23.78
C6 C8E V . -16.41 -6.90 23.26
C7 C8E V . -17.76 -6.21 23.04
C8 C8E V . -18.08 -5.20 24.14
O9 C8E V . -18.48 -3.99 23.55
C10 C8E V . -19.49 -3.33 24.27
C11 C8E V . -19.68 -1.91 23.74
O12 C8E V . -20.82 -1.83 22.89
H41 C8E V . -15.54 -9.10 22.06
H42 C8E V . -14.54 -8.93 23.50
H51 C8E V . -16.48 -8.34 24.85
H52 C8E V . -17.58 -8.69 23.52
H61 C8E V . -15.86 -6.93 22.31
H62 C8E V . -15.82 -6.34 23.98
H71 C8E V . -18.54 -6.96 22.99
H72 C8E V . -17.73 -5.68 22.08
H81 C8E V . -17.21 -5.05 24.77
H82 C8E V . -18.89 -5.60 24.76
H101 C8E V . -19.23 -3.30 25.32
H102 C8E V . -20.43 -3.88 24.17
H111 C8E V . -18.80 -1.60 23.20
H112 C8E V . -19.82 -1.23 24.59
C11 C8E W . 6.93 11.28 6.99
O12 C8E W . 8.23 10.75 7.11
C13 C8E W . 8.26 9.34 7.16
C14 C8E W . 9.04 8.86 8.39
O15 C8E W . 9.76 7.66 8.13
C16 C8E W . 9.14 6.56 8.76
C17 C8E W . 9.99 5.32 8.49
O18 C8E W . 11.29 5.55 8.97
C19 C8E W . 11.59 4.82 10.15
C20 C8E W . 12.67 3.79 9.86
O21 C8E W . 12.49 2.66 10.69
H131 C8E W . 8.73 8.95 6.26
H132 C8E W . 7.24 8.95 7.20
H141 C8E W . 8.34 8.70 9.21
H142 C8E W . 9.74 9.64 8.69
H161 C8E W . 8.14 6.42 8.36
H162 C8E W . 9.06 6.73 9.83
H171 C8E W . 10.02 5.11 7.42
H172 C8E W . 9.55 4.45 8.99
H191 C8E W . 10.69 4.33 10.52
H192 C8E W . 11.93 5.51 10.93
H201 C8E W . 13.65 4.22 10.04
H202 C8E W . 12.61 3.49 8.82
HO2 C8E W . 13.18 1.99 10.48
C2 C8E X . 25.18 -9.31 49.75
C3 C8E X . 24.56 -8.36 48.73
C4 C8E X . 23.15 -7.94 49.10
C5 C8E X . 22.84 -6.52 48.60
C6 C8E X . 21.90 -6.57 47.41
C7 C8E X . 20.45 -6.65 47.87
H41 C8E X . 23.03 -7.97 50.19
H42 C8E X . 22.43 -8.63 48.67
H51 C8E X . 23.78 -6.03 48.30
H52 C8E X . 22.40 -5.94 49.40
H61 C8E X . 22.13 -7.44 46.79
H62 C8E X . 22.03 -5.68 46.80
C2 C8E Y . 14.04 -14.35 54.33
C3 C8E Y . 12.55 -14.06 54.22
C4 C8E Y . 12.33 -12.63 53.79
C5 C8E Y . 11.09 -12.48 52.93
C6 C8E Y . 10.02 -11.65 53.62
C7 C8E Y . 8.62 -11.99 53.12
H41 C8E Y . 13.21 -12.29 53.22
H42 C8E Y . 12.24 -12.00 54.67
H51 C8E Y . 10.69 -13.47 52.70
H52 C8E Y . 11.35 -12.01 51.98
H61 C8E Y . 10.21 -10.60 53.44
H62 C8E Y . 10.07 -11.83 54.70
C1 C8E Z . 18.15 11.73 55.21
C2 C8E Z . 17.38 10.41 55.08
C3 C8E Z . 18.30 9.25 54.73
C4 C8E Z . 17.55 7.93 54.72
C5 C8E Z . 18.40 6.78 54.22
H41 C8E Z . 16.66 8.03 54.09
H42 C8E Z . 17.21 7.71 55.74
C2 C8E AA . 23.04 13.46 28.85
C3 C8E AA . 22.67 14.92 29.08
C4 C8E AA . 22.94 15.79 27.85
C5 C8E AA . 21.97 16.95 27.81
C6 C8E AA . 22.62 18.21 27.24
C7 C8E AA . 23.61 18.78 28.25
H41 C8E AA . 22.82 15.18 26.96
H42 C8E AA . 23.96 16.15 27.89
H51 C8E AA . 21.61 17.17 28.81
H52 C8E AA . 21.11 16.69 27.19
H61 C8E AA . 21.85 18.96 27.01
H62 C8E AA . 23.14 17.96 26.31
C8 C8E BA . 1.45 -2.24 7.34
O9 C8E BA . 1.57 -3.53 7.90
C10 C8E BA . 0.32 -4.17 8.05
C11 C8E BA . 0.50 -5.67 8.30
O12 C8E BA . -0.75 -6.34 8.26
H101 C8E BA . -0.28 -4.02 7.16
H102 C8E BA . -0.22 -3.72 8.90
H111 C8E BA . 0.96 -5.82 9.28
H112 C8E BA . 1.16 -6.09 7.55
C2 C8E CA . 1.36 6.44 33.01
C3 C8E CA . 0.35 5.44 33.58
C4 C8E CA . 0.05 4.21 32.76
C5 C8E CA . 0.99 3.08 33.12
C6 C8E CA . 0.49 1.73 32.60
C7 C8E CA . 1.57 0.66 32.62
H41 C8E CA . 0.15 4.45 31.71
H42 C8E CA . -0.98 3.90 32.95
H51 C8E CA . 1.10 3.03 34.21
H52 C8E CA . 1.98 3.29 32.70
H61 C8E CA . 0.14 1.86 31.58
H62 C8E CA . -0.35 1.40 33.22
O15 C8E DA . -14.29 -14.74 41.63
C16 C8E DA . -13.40 -14.67 40.54
C17 C8E DA . -12.50 -15.90 40.52
O18 C8E DA . -11.77 -15.92 39.32
C19 C8E DA . -10.38 -16.21 39.49
C20 C8E DA . -9.89 -16.98 38.26
O21 C8E DA . -9.42 -18.24 38.67
H161 C8E DA . -12.78 -13.77 40.63
H162 C8E DA . -13.96 -14.61 39.60
H171 C8E DA . -13.11 -16.81 40.60
H172 C8E DA . -11.82 -15.89 41.38
H191 C8E DA . -10.24 -16.79 40.38
H192 C8E DA . -9.82 -15.28 39.60
H201 C8E DA . -9.09 -16.42 37.78
H202 C8E DA . -10.70 -17.10 37.54
HO2 C8E DA . -9.13 -18.76 37.89
MG MG EA . 0.27 10.41 55.49
MG MG FA . -6.30 7.67 29.23
MG MG GA . -6.00 6.05 35.45
MG MG HA . 14.56 -22.02 53.17
#